data_7V3E
#
_entry.id   7V3E
#
_cell.length_a   97.878
_cell.length_b   180.533
_cell.length_c   133.298
_cell.angle_alpha   90.00
_cell.angle_beta   90.00
_cell.angle_gamma   90.00
#
_symmetry.space_group_name_H-M   'C 2 2 21'
#
loop_
_entity.id
_entity.type
_entity.pdbx_description
1 polymer dioxygenase
2 non-polymer '2-OXOGLUTARIC ACID'
3 non-polymer (3S,6Z)-3-[(2S)-butan-2-yl]-6-[(2R)-2-methyl-2,3-bis(oxidanyl)propylidene]piperazine-2,5-dione
4 non-polymer 'FE (II) ION'
5 non-polymer 'CHLORIDE ION'
6 non-polymer GLYCEROL
7 water water
#
_entity_poly.entity_id   1
_entity_poly.type   'polypeptide(L)'
_entity_poly.pdbx_seq_one_letter_code
;MTDHARGTLPEIRRGRIYRDVYHKRVDEEPVDRTADLERARLGDDGLDFQDDAAQARAFAQGVFLLEIPEWLDLSAGDRF
ARQFFQGTGVEPYGKYRDLSSEHFGDELLGYHSRVDQLEQFLLERRFWGEVYPSEIATLGEHLTLLSHRVLRSVLASAGI
PEEDWHRASGGCSETNGSYHLTFNHYRSAHQDIGLSSHKDDGFITVLRTTAQGLEVNRDDVWEKVPVDPACFVVNFGLSM
EILTSACVTPLSAIMHRVSHQNFDRSSFGHFSSSRCLPGADDGIYRYLPSAGLERVCGSRELIEENDHEIYMGTEGQGLE
HHHHHHHH
;
_entity_poly.pdbx_strand_id   A,B,C
#
loop_
_chem_comp.id
_chem_comp.type
_chem_comp.name
_chem_comp.formula
5WI non-polymer (3S,6Z)-3-[(2S)-butan-2-yl]-6-[(2R)-2-methyl-2,3-bis(oxidanyl)propylidene]piperazine-2,5-dione 'C12 H20 N2 O4'
AKG non-polymer '2-OXOGLUTARIC ACID' 'C5 H6 O5'
CL non-polymer 'CHLORIDE ION' 'Cl -1'
FE2 non-polymer 'FE (II) ION' 'Fe 2'
GOL non-polymer GLYCEROL 'C3 H8 O3'
#
# COMPACT_ATOMS: atom_id res chain seq x y z
N ARG A 33 -14.28 15.52 36.67
CA ARG A 33 -12.90 15.49 36.21
C ARG A 33 -12.79 15.04 34.75
N THR A 34 -13.77 14.27 34.26
CA THR A 34 -13.73 13.73 32.91
C THR A 34 -14.93 14.22 32.10
N ALA A 35 -14.64 14.75 30.92
CA ALA A 35 -15.67 15.28 30.04
C ALA A 35 -16.33 14.18 29.24
N ASP A 36 -17.62 14.32 29.00
CA ASP A 36 -18.38 13.39 28.19
C ASP A 36 -18.69 14.07 26.87
N LEU A 37 -18.03 13.63 25.80
CA LEU A 37 -18.12 14.29 24.51
C LEU A 37 -19.08 13.57 23.60
N GLU A 38 -19.77 14.34 22.77
CA GLU A 38 -20.63 13.77 21.73
C GLU A 38 -19.76 13.11 20.67
N ARG A 39 -20.24 11.99 20.13
CA ARG A 39 -19.50 11.26 19.11
C ARG A 39 -20.23 11.34 17.77
N ALA A 40 -19.49 11.66 16.72
CA ALA A 40 -20.01 11.77 15.37
C ALA A 40 -19.20 10.88 14.44
N ARG A 41 -19.71 10.73 13.22
CA ARG A 41 -18.99 10.02 12.17
C ARG A 41 -19.32 10.69 10.85
N LEU A 42 -18.38 10.67 9.92
CA LEU A 42 -18.64 11.22 8.59
C LEU A 42 -19.58 10.31 7.82
N GLY A 43 -20.70 10.87 7.40
CA GLY A 43 -21.66 10.10 6.63
C GLY A 43 -21.84 10.66 5.24
N ASP A 44 -22.88 10.20 4.55
CA ASP A 44 -23.10 10.61 3.17
C ASP A 44 -23.46 12.09 3.06
N ASP A 45 -24.17 12.62 4.05
CA ASP A 45 -24.59 14.02 4.05
C ASP A 45 -23.75 14.89 4.99
N GLY A 46 -22.61 14.38 5.47
CA GLY A 46 -21.78 15.14 6.37
C GLY A 46 -21.69 14.56 7.76
N LEU A 47 -21.57 15.43 8.77
CA LEU A 47 -21.42 15.01 10.15
C LEU A 47 -22.70 14.36 10.66
N ASP A 48 -22.60 13.12 11.13
CA ASP A 48 -23.72 12.39 11.70
C ASP A 48 -23.53 12.23 13.21
N PHE A 49 -24.25 13.03 13.99
CA PHE A 49 -24.36 12.81 15.42
C PHE A 49 -25.54 11.88 15.70
N GLN A 50 -25.78 11.60 16.99
CA GLN A 50 -26.91 10.75 17.35
C GLN A 50 -28.24 11.44 17.09
N ASP A 51 -28.30 12.75 17.32
CA ASP A 51 -29.51 13.53 17.07
C ASP A 51 -29.11 15.00 16.93
N ASP A 52 -30.12 15.84 16.70
CA ASP A 52 -29.84 17.26 16.50
C ASP A 52 -29.43 17.94 17.81
N ALA A 53 -29.94 17.46 18.94
CA ALA A 53 -29.52 18.02 20.22
C ALA A 53 -28.09 17.64 20.55
N ALA A 54 -27.64 16.46 20.12
CA ALA A 54 -26.24 16.08 20.33
C ALA A 54 -25.32 16.96 19.50
N GLN A 55 -25.69 17.24 18.25
CA GLN A 55 -24.91 18.15 17.43
C GLN A 55 -24.93 19.56 18.01
N ALA A 56 -26.07 19.98 18.56
CA ALA A 56 -26.16 21.31 19.16
C ALA A 56 -25.28 21.42 20.39
N ARG A 57 -25.22 20.37 21.20
CA ARG A 57 -24.30 20.36 22.33
C ARG A 57 -22.86 20.35 21.86
N ALA A 58 -22.54 19.51 20.88
CA ALA A 58 -21.17 19.40 20.39
C ALA A 58 -20.68 20.73 19.82
N PHE A 59 -21.49 21.36 18.97
CA PHE A 59 -21.07 22.62 18.36
C PHE A 59 -20.99 23.75 19.38
N ALA A 60 -21.86 23.75 20.38
CA ALA A 60 -21.81 24.80 21.41
C ALA A 60 -20.60 24.61 22.32
N GLN A 61 -20.26 23.36 22.64
CA GLN A 61 -19.08 23.10 23.45
C GLN A 61 -17.80 23.39 22.69
N GLY A 62 -17.82 23.23 21.37
CA GLY A 62 -16.62 23.45 20.58
C GLY A 62 -15.67 22.28 20.51
N VAL A 63 -16.07 21.09 20.92
CA VAL A 63 -15.21 19.91 20.89
C VAL A 63 -16.09 18.68 20.84
N PHE A 64 -15.68 17.68 20.06
CA PHE A 64 -16.40 16.43 20.00
C PHE A 64 -15.47 15.37 19.44
N LEU A 65 -15.95 14.13 19.46
CA LEU A 65 -15.22 12.99 18.94
C LEU A 65 -15.69 12.67 17.53
N LEU A 66 -14.75 12.34 16.66
CA LEU A 66 -15.04 11.94 15.30
C LEU A 66 -14.44 10.57 15.07
N GLU A 67 -15.29 9.60 14.72
CA GLU A 67 -14.79 8.26 14.47
C GLU A 67 -13.78 8.27 13.33
N ILE A 68 -12.70 7.51 13.51
CA ILE A 68 -11.66 7.41 12.49
C ILE A 68 -12.11 6.40 11.44
N PRO A 69 -12.13 6.77 10.16
CA PRO A 69 -12.52 5.80 9.12
C PRO A 69 -11.65 4.56 9.18
N GLU A 70 -12.29 3.39 9.04
CA GLU A 70 -11.58 2.13 9.18
C GLU A 70 -10.45 2.01 8.16
N TRP A 71 -10.58 2.66 6.99
CA TRP A 71 -9.58 2.57 5.93
C TRP A 71 -8.37 3.50 6.15
N LEU A 72 -8.45 4.42 7.11
CA LEU A 72 -7.41 5.43 7.29
C LEU A 72 -6.33 4.88 8.22
N ASP A 73 -5.13 4.69 7.69
CA ASP A 73 -4.02 4.16 8.47
C ASP A 73 -3.33 5.30 9.23
N LEU A 74 -3.26 5.18 10.55
CA LEU A 74 -2.60 6.16 11.40
C LEU A 74 -1.25 5.68 11.93
N SER A 75 -0.81 4.49 11.56
CA SER A 75 0.34 3.87 12.21
C SER A 75 1.65 4.57 11.84
N ALA A 76 1.76 5.09 10.62
CA ALA A 76 2.98 5.82 10.27
C ALA A 76 3.04 7.16 11.01
N GLY A 77 1.90 7.83 11.15
CA GLY A 77 1.87 9.06 11.90
C GLY A 77 2.18 8.86 13.38
N ASP A 78 1.62 7.81 13.98
CA ASP A 78 1.95 7.51 15.38
C ASP A 78 3.45 7.30 15.55
N ARG A 79 4.06 6.56 14.63
CA ARG A 79 5.50 6.34 14.70
C ARG A 79 6.28 7.64 14.50
N PHE A 80 5.81 8.50 13.59
CA PHE A 80 6.49 9.78 13.37
C PHE A 80 6.48 10.61 14.65
N ALA A 81 5.33 10.65 15.34
CA ALA A 81 5.22 11.41 16.58
C ALA A 81 6.15 10.87 17.66
N ARG A 82 6.44 9.56 17.65
CA ARG A 82 7.33 8.96 18.63
C ARG A 82 8.81 9.14 18.29
N GLN A 83 9.13 9.54 17.07
CA GLN A 83 10.50 9.48 16.56
C GLN A 83 11.11 10.81 16.16
N PHE A 84 10.29 11.79 15.76
CA PHE A 84 10.80 12.94 15.02
C PHE A 84 11.85 13.73 15.78
N PHE A 85 11.83 13.67 17.12
CA PHE A 85 12.71 14.48 17.93
C PHE A 85 14.05 13.82 18.23
N GLN A 86 14.27 12.58 17.78
CA GLN A 86 15.38 11.79 18.28
C GLN A 86 16.64 11.87 17.44
N GLY A 87 16.62 12.50 16.27
CA GLY A 87 17.83 12.70 15.49
C GLY A 87 18.10 11.57 14.51
N THR A 88 19.10 11.81 13.65
CA THR A 88 19.36 10.96 12.49
C THR A 88 19.71 9.52 12.85
N GLY A 89 20.05 9.23 14.11
CA GLY A 89 20.33 7.86 14.48
C GLY A 89 19.12 6.96 14.49
N VAL A 90 17.91 7.52 14.55
CA VAL A 90 16.69 6.77 14.72
C VAL A 90 15.91 6.82 13.41
N GLU A 91 15.67 5.66 12.82
CA GLU A 91 15.03 5.43 11.53
C GLU A 91 13.59 5.00 11.72
N PRO A 92 12.67 5.41 10.82
CA PRO A 92 12.99 6.22 9.64
C PRO A 92 12.78 7.73 9.81
N TYR A 93 12.36 8.20 10.98
CA TYR A 93 11.86 9.56 11.12
C TYR A 93 12.68 10.45 12.04
N GLY A 94 13.71 9.93 12.70
CA GLY A 94 14.43 10.76 13.67
C GLY A 94 15.09 11.97 13.05
N LYS A 95 15.46 11.90 11.77
CA LYS A 95 16.21 12.97 11.12
C LYS A 95 15.46 14.29 11.05
N TYR A 96 14.13 14.28 11.20
CA TYR A 96 13.40 15.54 11.12
C TYR A 96 13.70 16.48 12.28
N ARG A 97 14.37 15.99 13.33
CA ARG A 97 14.84 16.86 14.39
C ARG A 97 15.77 17.96 13.87
N ASP A 98 16.47 17.69 12.76
CA ASP A 98 17.47 18.61 12.22
C ASP A 98 16.91 19.66 11.27
N LEU A 99 15.61 19.65 10.97
CA LEU A 99 15.01 20.59 10.05
C LEU A 99 14.35 21.72 10.85
N SER A 100 15.01 22.88 10.89
CA SER A 100 14.50 24.05 11.58
C SER A 100 13.78 24.98 10.61
N SER A 101 13.31 26.12 11.13
CA SER A 101 12.47 27.01 10.33
C SER A 101 13.24 27.64 9.17
N GLU A 102 14.56 27.81 9.32
CA GLU A 102 15.34 28.43 8.26
C GLU A 102 15.28 27.62 6.97
N HIS A 103 15.09 26.30 7.07
CA HIS A 103 14.99 25.46 5.90
C HIS A 103 13.74 25.72 5.07
N PHE A 104 12.78 26.48 5.60
CA PHE A 104 11.48 26.62 4.96
C PHE A 104 11.11 28.06 4.60
N GLY A 105 11.90 29.05 4.99
CA GLY A 105 11.51 30.42 4.74
C GLY A 105 10.25 30.83 5.48
N ASP A 106 9.90 30.10 6.54
CA ASP A 106 8.70 30.37 7.33
C ASP A 106 9.04 30.05 8.77
N GLU A 107 9.06 31.08 9.62
CA GLU A 107 9.51 30.90 11.00
C GLU A 107 8.63 29.96 11.80
N LEU A 108 7.39 29.73 11.36
CA LEU A 108 6.47 28.87 12.10
C LEU A 108 6.73 27.39 11.91
N LEU A 109 7.56 27.01 10.93
CA LEU A 109 7.63 25.62 10.49
C LEU A 109 8.88 24.93 11.01
N GLY A 110 8.88 23.60 10.90
CA GLY A 110 10.03 22.80 11.29
C GLY A 110 9.97 22.37 12.75
N TYR A 111 11.12 21.91 13.23
CA TYR A 111 11.24 21.51 14.62
C TYR A 111 11.24 22.73 15.53
N HIS A 112 10.52 22.64 16.63
CA HIS A 112 10.46 23.72 17.62
C HIS A 112 10.43 23.12 19.01
N SER A 113 11.40 23.51 19.83
CA SER A 113 11.36 23.25 21.27
C SER A 113 10.57 24.38 21.93
N ARG A 114 9.48 24.04 22.60
CA ARG A 114 8.68 25.07 23.24
C ARG A 114 9.13 25.26 24.68
N VAL A 115 8.60 26.31 25.32
CA VAL A 115 8.93 26.61 26.70
C VAL A 115 8.24 25.64 27.66
N ASP A 116 7.16 24.99 27.22
CA ASP A 116 6.53 23.94 28.01
C ASP A 116 7.26 22.62 27.74
N GLN A 117 6.71 21.50 28.23
CA GLN A 117 7.31 20.20 27.95
C GLN A 117 7.29 19.89 26.47
N LEU A 118 6.37 20.53 25.74
CA LEU A 118 6.12 20.17 24.35
C LEU A 118 7.31 20.53 23.46
N GLU A 119 7.65 19.61 22.56
CA GLU A 119 8.43 19.91 21.37
C GLU A 119 7.63 19.44 20.16
N GLN A 120 7.79 20.14 19.04
CA GLN A 120 6.91 19.95 17.90
C GLN A 120 7.70 19.91 16.61
N PHE A 121 7.08 19.30 15.60
CA PHE A 121 7.47 19.48 14.21
C PHE A 121 6.21 19.89 13.43
N LEU A 122 6.23 21.09 12.87
CA LEU A 122 5.08 21.65 12.17
C LEU A 122 5.43 21.85 10.70
N LEU A 123 4.52 21.47 9.80
CA LEU A 123 4.77 21.63 8.38
C LEU A 123 3.46 21.90 7.64
N GLU A 124 3.47 22.94 6.81
CA GLU A 124 2.30 23.31 6.02
C GLU A 124 2.25 22.51 4.72
N ARG A 125 1.03 22.36 4.20
CA ARG A 125 0.74 21.48 3.07
C ARG A 125 1.63 21.75 1.85
N ARG A 126 2.03 23.00 1.61
CA ARG A 126 2.83 23.28 0.43
C ARG A 126 4.17 22.56 0.45
N PHE A 127 4.62 22.08 1.62
CA PHE A 127 5.88 21.37 1.76
C PHE A 127 5.75 19.87 1.97
N TRP A 128 4.53 19.34 2.11
CA TRP A 128 4.39 17.92 2.47
C TRP A 128 5.01 16.99 1.43
N GLY A 129 4.61 17.14 0.16
CA GLY A 129 5.09 16.21 -0.86
C GLY A 129 6.60 16.20 -0.98
N GLU A 130 7.23 17.35 -0.85
CA GLU A 130 8.66 17.49 -1.03
C GLU A 130 9.46 17.12 0.23
N VAL A 131 8.98 17.48 1.40
CA VAL A 131 9.77 17.37 2.63
C VAL A 131 9.37 16.16 3.47
N TYR A 132 8.07 15.91 3.65
CA TYR A 132 7.62 14.82 4.49
C TYR A 132 7.88 13.47 3.82
N PRO A 133 8.01 12.40 4.61
CA PRO A 133 8.00 11.07 4.01
C PRO A 133 6.72 10.85 3.23
N SER A 134 6.81 10.04 2.17
CA SER A 134 5.69 9.88 1.24
C SER A 134 4.42 9.47 1.98
N GLU A 135 4.54 8.53 2.93
CA GLU A 135 3.37 8.09 3.67
C GLU A 135 2.87 9.14 4.66
N ILE A 136 3.72 10.07 5.10
CA ILE A 136 3.25 11.11 6.00
C ILE A 136 2.47 12.17 5.23
N ALA A 137 2.96 12.55 4.04
CA ALA A 137 2.21 13.45 3.18
C ALA A 137 0.86 12.85 2.83
N THR A 138 0.80 11.53 2.60
CA THR A 138 -0.47 10.87 2.32
C THR A 138 -1.43 11.01 3.49
N LEU A 139 -0.94 10.79 4.71
CA LEU A 139 -1.79 10.99 5.88
C LEU A 139 -2.33 12.41 5.91
N GLY A 140 -1.46 13.40 5.70
CA GLY A 140 -1.90 14.78 5.68
C GLY A 140 -2.98 15.07 4.66
N GLU A 141 -2.83 14.53 3.45
CA GLU A 141 -3.84 14.76 2.42
C GLU A 141 -5.18 14.14 2.82
N HIS A 142 -5.15 12.92 3.36
CA HIS A 142 -6.41 12.31 3.76
C HIS A 142 -7.07 13.07 4.91
N LEU A 143 -6.28 13.57 5.87
CA LEU A 143 -6.86 14.35 6.97
C LEU A 143 -7.41 15.69 6.47
N THR A 144 -6.76 16.28 5.46
CA THR A 144 -7.27 17.50 4.86
C THR A 144 -8.66 17.31 4.30
N LEU A 145 -8.89 16.18 3.69
CA LEU A 145 -10.19 15.90 3.10
C LEU A 145 -11.26 15.63 4.14
N LEU A 146 -10.92 14.85 5.17
CA LEU A 146 -11.85 14.67 6.27
C LEU A 146 -12.21 16.00 6.92
N SER A 147 -11.20 16.83 7.18
CA SER A 147 -11.44 18.15 7.76
C SER A 147 -12.24 19.03 6.82
N HIS A 148 -11.98 18.92 5.52
CA HIS A 148 -12.77 19.65 4.51
C HIS A 148 -14.25 19.30 4.63
N ARG A 149 -14.56 18.01 4.75
CA ARG A 149 -15.95 17.57 4.86
C ARG A 149 -16.56 18.00 6.19
N VAL A 150 -15.78 17.93 7.27
CA VAL A 150 -16.29 18.37 8.57
C VAL A 150 -16.63 19.86 8.53
N LEU A 151 -15.76 20.67 7.93
CA LEU A 151 -15.96 22.11 7.96
C LEU A 151 -17.20 22.51 7.15
N ARG A 152 -17.40 21.91 5.98
CA ARG A 152 -18.56 22.27 5.16
C ARG A 152 -19.85 21.91 5.87
N SER A 153 -19.85 20.80 6.61
CA SER A 153 -21.02 20.45 7.41
C SER A 153 -21.26 21.49 8.51
N VAL A 154 -20.18 22.00 9.12
CA VAL A 154 -20.32 22.99 10.19
C VAL A 154 -20.80 24.32 9.63
N LEU A 155 -20.22 24.77 8.50
CA LEU A 155 -20.63 26.05 7.93
C LEU A 155 -22.11 26.04 7.57
N ALA A 156 -22.60 24.90 7.05
CA ALA A 156 -24.02 24.81 6.73
C ALA A 156 -24.87 24.90 7.98
N SER A 157 -24.46 24.21 9.05
CA SER A 157 -25.23 24.23 10.29
C SER A 157 -25.22 25.60 10.95
N ALA A 158 -24.19 26.41 10.70
CA ALA A 158 -24.12 27.74 11.30
C ALA A 158 -24.96 28.77 10.54
N GLY A 159 -25.51 28.41 9.39
CA GLY A 159 -26.30 29.33 8.61
C GLY A 159 -25.48 30.26 7.75
N ILE A 160 -24.20 30.01 7.57
CA ILE A 160 -23.41 30.82 6.63
C ILE A 160 -23.87 30.49 5.21
N PRO A 161 -24.24 31.47 4.40
CA PRO A 161 -24.63 31.16 3.01
C PRO A 161 -23.50 30.49 2.24
N GLU A 162 -23.87 29.49 1.45
CA GLU A 162 -22.89 28.67 0.75
C GLU A 162 -22.05 29.49 -0.23
N GLU A 163 -22.62 30.53 -0.83
CA GLU A 163 -21.86 31.36 -1.77
C GLU A 163 -20.79 32.22 -1.09
N ASP A 164 -20.79 32.30 0.23
CA ASP A 164 -19.77 33.01 0.98
C ASP A 164 -18.72 32.11 1.61
N TRP A 165 -18.83 30.79 1.44
CA TRP A 165 -17.97 29.85 2.17
C TRP A 165 -16.49 30.04 1.85
N HIS A 166 -16.15 30.21 0.57
CA HIS A 166 -14.73 30.24 0.20
C HIS A 166 -14.03 31.44 0.84
N ARG A 167 -14.66 32.62 0.77
CA ARG A 167 -14.04 33.79 1.39
C ARG A 167 -14.13 33.71 2.91
N ALA A 168 -15.24 33.18 3.44
CA ALA A 168 -15.42 33.09 4.89
C ALA A 168 -14.39 32.15 5.53
N SER A 169 -13.97 31.12 4.81
CA SER A 169 -13.05 30.12 5.34
C SER A 169 -11.62 30.30 4.86
N GLY A 170 -11.34 31.37 4.13
CA GLY A 170 -10.00 31.54 3.57
C GLY A 170 -9.56 30.39 2.69
N GLY A 171 -10.49 29.73 2.01
CA GLY A 171 -10.19 28.62 1.13
C GLY A 171 -10.42 27.24 1.73
N CYS A 172 -10.64 27.14 3.04
CA CYS A 172 -10.77 25.82 3.66
C CYS A 172 -12.08 25.13 3.33
N SER A 173 -13.10 25.86 2.83
CA SER A 173 -14.30 25.20 2.37
C SER A 173 -14.04 24.39 1.09
N GLU A 174 -12.92 24.65 0.43
CA GLU A 174 -12.48 23.83 -0.69
C GLU A 174 -11.18 23.17 -0.26
N THR A 175 -10.10 23.34 -1.02
CA THR A 175 -8.79 22.84 -0.59
C THR A 175 -7.74 23.92 -0.73
N ASN A 176 -8.12 25.19 -0.58
CA ASN A 176 -7.23 26.33 -0.78
C ASN A 176 -6.81 26.98 0.53
N GLY A 177 -7.12 26.38 1.67
CA GLY A 177 -6.69 26.93 2.93
C GLY A 177 -5.21 26.68 3.15
N SER A 178 -4.75 27.05 4.35
CA SER A 178 -3.45 26.65 4.85
C SER A 178 -3.67 25.49 5.82
N TYR A 179 -2.88 24.42 5.64
CA TYR A 179 -3.06 23.21 6.42
C TYR A 179 -1.72 22.79 7.00
N HIS A 180 -1.68 22.60 8.32
CA HIS A 180 -0.49 22.15 9.01
C HIS A 180 -0.71 20.75 9.57
N LEU A 181 0.21 19.84 9.27
CA LEU A 181 0.29 18.55 9.95
C LEU A 181 1.38 18.68 10.99
N THR A 182 1.01 18.57 12.26
CA THR A 182 1.88 18.95 13.36
C THR A 182 2.01 17.77 14.32
N PHE A 183 3.24 17.42 14.66
CA PHE A 183 3.53 16.30 15.54
C PHE A 183 4.06 16.83 16.87
N ASN A 184 3.59 16.23 17.96
CA ASN A 184 3.82 16.73 19.30
C ASN A 184 4.52 15.67 20.15
N HIS A 185 5.56 16.07 20.87
CA HIS A 185 6.18 15.20 21.86
C HIS A 185 6.37 15.96 23.16
N TYR A 186 5.92 15.37 24.26
CA TYR A 186 5.98 16.00 25.57
C TYR A 186 7.12 15.37 26.35
N ARG A 187 8.14 16.17 26.65
CA ARG A 187 9.34 15.74 27.34
C ARG A 187 9.06 15.70 28.83
N SER A 188 8.79 14.50 29.36
CA SER A 188 8.43 14.39 30.77
C SER A 188 9.55 14.81 31.70
N ALA A 189 10.79 14.84 31.23
CA ALA A 189 11.91 15.27 32.06
C ALA A 189 11.87 16.76 32.33
N HIS A 190 11.17 17.54 31.50
CA HIS A 190 11.04 18.97 31.70
C HIS A 190 9.94 19.27 32.71
N GLN A 191 10.15 20.33 33.49
CA GLN A 191 9.21 20.68 34.54
C GLN A 191 7.98 21.38 33.96
N ASP A 192 6.96 21.53 34.80
CA ASP A 192 5.78 22.31 34.47
C ASP A 192 4.93 21.73 33.34
N ILE A 193 3.95 22.51 32.89
CA ILE A 193 2.82 21.98 32.16
C ILE A 193 3.23 21.42 30.80
N GLY A 194 2.47 20.44 30.32
CA GLY A 194 2.75 19.85 29.01
C GLY A 194 2.61 20.85 27.90
N LEU A 195 1.47 21.53 27.84
CA LEU A 195 1.20 22.59 26.87
C LEU A 195 0.24 23.57 27.50
N SER A 196 0.58 24.86 27.48
CA SER A 196 -0.18 25.87 28.19
C SER A 196 -1.60 25.98 27.64
N SER A 197 -2.49 26.48 28.50
CA SER A 197 -3.87 26.73 28.13
C SER A 197 -3.96 27.64 26.91
N HIS A 198 -4.80 27.27 25.94
CA HIS A 198 -4.85 28.06 24.71
C HIS A 198 -6.05 27.63 23.87
N LYS A 199 -6.24 28.40 22.79
CA LYS A 199 -7.15 28.09 21.71
C LYS A 199 -6.36 28.01 20.41
N ASP A 200 -6.78 27.12 19.53
CA ASP A 200 -6.14 27.03 18.23
C ASP A 200 -6.50 28.23 17.36
N ASP A 201 -5.66 28.48 16.36
CA ASP A 201 -5.82 29.68 15.55
C ASP A 201 -6.98 29.56 14.55
N GLY A 202 -7.18 28.38 13.99
CA GLY A 202 -7.86 28.25 12.71
C GLY A 202 -9.34 27.97 12.80
N PHE A 203 -9.83 27.17 11.87
CA PHE A 203 -11.24 26.78 11.82
C PHE A 203 -11.46 25.40 12.44
N ILE A 204 -10.75 24.38 11.96
CA ILE A 204 -10.93 23.01 12.42
C ILE A 204 -9.58 22.45 12.82
N THR A 205 -9.53 21.78 13.96
CA THR A 205 -8.38 20.99 14.37
C THR A 205 -8.83 19.54 14.49
N VAL A 206 -8.12 18.63 13.83
CA VAL A 206 -8.34 17.19 13.93
C VAL A 206 -7.16 16.59 14.69
N LEU A 207 -7.41 16.12 15.90
CA LEU A 207 -6.38 15.73 16.86
C LEU A 207 -6.39 14.23 17.07
N ARG A 208 -5.21 13.63 16.97
CA ARG A 208 -5.01 12.19 17.13
C ARG A 208 -4.24 12.02 18.42
N THR A 209 -4.90 11.50 19.45
CA THR A 209 -4.27 11.27 20.74
CA THR A 209 -4.27 11.26 20.74
C THR A 209 -4.61 9.87 21.22
N THR A 210 -3.62 9.17 21.76
CA THR A 210 -3.82 7.83 22.30
C THR A 210 -3.45 7.74 23.78
N ALA A 211 -3.05 8.84 24.40
CA ALA A 211 -2.69 8.84 25.81
C ALA A 211 -3.38 9.98 26.54
N GLN A 212 -3.56 9.80 27.85
CA GLN A 212 -4.14 10.83 28.69
C GLN A 212 -3.27 12.08 28.67
N GLY A 213 -3.87 13.21 29.03
CA GLY A 213 -3.14 14.45 29.13
C GLY A 213 -3.94 15.65 28.66
N LEU A 214 -4.71 15.46 27.59
CA LEU A 214 -5.55 16.54 27.08
C LEU A 214 -6.65 16.90 28.08
N GLU A 215 -6.83 18.20 28.28
CA GLU A 215 -7.87 18.71 29.16
C GLU A 215 -8.55 19.87 28.46
N VAL A 216 -9.87 19.99 28.64
CA VAL A 216 -10.64 21.06 28.04
C VAL A 216 -11.34 21.83 29.14
N ASN A 217 -11.54 23.11 28.89
CA ASN A 217 -12.29 23.95 29.82
C ASN A 217 -13.59 24.34 29.14
N ARG A 218 -14.55 23.41 29.18
CA ARG A 218 -15.93 23.71 28.81
C ARG A 218 -16.53 24.47 29.98
N ASP A 219 -17.43 25.41 29.69
CA ASP A 219 -17.97 26.24 30.76
C ASP A 219 -16.82 26.91 31.52
N ASP A 220 -16.58 26.52 32.78
CA ASP A 220 -15.46 27.03 33.55
C ASP A 220 -14.78 25.99 34.45
N VAL A 221 -14.92 24.70 34.15
CA VAL A 221 -14.20 23.67 34.89
C VAL A 221 -13.32 22.90 33.92
N TRP A 222 -12.09 22.65 34.35
CA TRP A 222 -11.17 21.86 33.54
C TRP A 222 -11.53 20.39 33.66
N GLU A 223 -11.60 19.71 32.53
CA GLU A 223 -12.00 18.32 32.48
C GLU A 223 -11.06 17.53 31.59
N LYS A 224 -10.70 16.33 32.03
CA LYS A 224 -9.94 15.44 31.17
C LYS A 224 -10.78 15.02 29.98
N VAL A 225 -10.16 15.00 28.80
CA VAL A 225 -10.76 14.43 27.61
C VAL A 225 -10.50 12.92 27.62
N PRO A 226 -11.52 12.07 27.57
CA PRO A 226 -11.29 10.63 27.63
C PRO A 226 -10.49 10.14 26.43
N VAL A 227 -9.69 9.10 26.67
CA VAL A 227 -8.90 8.50 25.60
C VAL A 227 -9.78 7.52 24.83
N ASP A 228 -9.80 7.66 23.50
CA ASP A 228 -10.50 6.74 22.61
C ASP A 228 -9.67 6.60 21.35
N PRO A 229 -8.88 5.52 21.22
CA PRO A 229 -8.01 5.38 20.04
C PRO A 229 -8.77 5.14 18.75
N ALA A 230 -10.09 4.97 18.82
CA ALA A 230 -10.92 4.83 17.63
C ALA A 230 -11.51 6.16 17.16
N CYS A 231 -11.20 7.27 17.82
CA CYS A 231 -11.77 8.56 17.46
C CYS A 231 -10.70 9.64 17.45
N PHE A 232 -10.85 10.59 16.55
CA PHE A 232 -10.14 11.85 16.66
C PHE A 232 -10.86 12.74 17.67
N VAL A 233 -10.13 13.70 18.21
CA VAL A 233 -10.72 14.82 18.93
C VAL A 233 -10.78 15.99 17.95
N VAL A 234 -11.98 16.54 17.75
CA VAL A 234 -12.19 17.67 16.87
C VAL A 234 -12.54 18.89 17.71
N ASN A 235 -11.91 20.01 17.42
CA ASN A 235 -12.34 21.27 18.01
C ASN A 235 -12.18 22.39 17.00
N PHE A 236 -12.78 23.52 17.34
CA PHE A 236 -12.76 24.73 16.53
C PHE A 236 -11.70 25.68 17.06
N GLY A 237 -11.17 26.52 16.16
CA GLY A 237 -10.18 27.50 16.53
C GLY A 237 -10.76 28.90 16.56
N LEU A 238 -9.85 29.88 16.73
CA LEU A 238 -10.28 31.27 16.91
C LEU A 238 -10.99 31.79 15.67
N SER A 239 -10.53 31.42 14.48
CA SER A 239 -11.15 31.92 13.26
C SER A 239 -12.61 31.47 13.13
N MET A 240 -12.91 30.26 13.60
CA MET A 240 -14.30 29.81 13.61
C MET A 240 -15.13 30.65 14.56
N GLU A 241 -14.60 30.90 15.75
CA GLU A 241 -15.30 31.72 16.73
C GLU A 241 -15.60 33.11 16.18
N ILE A 242 -14.57 33.75 15.60
CA ILE A 242 -14.73 35.06 15.01
C ILE A 242 -15.79 35.02 13.91
N LEU A 243 -15.70 34.01 13.04
CA LEU A 243 -16.60 33.91 11.89
C LEU A 243 -18.07 33.81 12.31
N THR A 244 -18.36 33.00 13.33
CA THR A 244 -19.74 32.68 13.69
C THR A 244 -20.25 33.48 14.89
N SER A 245 -19.58 34.58 15.26
CA SER A 245 -19.96 35.28 16.49
C SER A 245 -21.36 35.87 16.41
N ALA A 246 -21.82 36.26 15.22
CA ALA A 246 -23.13 36.87 15.06
C ALA A 246 -24.21 35.88 14.64
N CYS A 247 -23.88 34.59 14.53
CA CYS A 247 -24.82 33.59 14.04
C CYS A 247 -25.88 33.29 15.10
N VAL A 248 -26.85 32.47 14.73
CA VAL A 248 -27.92 32.09 15.66
C VAL A 248 -27.36 31.31 16.84
N THR A 249 -26.45 30.37 16.56
CA THR A 249 -25.71 29.65 17.61
C THR A 249 -24.23 29.87 17.36
N PRO A 250 -23.62 30.86 18.01
CA PRO A 250 -22.19 31.11 17.78
C PRO A 250 -21.37 29.92 18.25
N LEU A 251 -20.34 29.60 17.49
CA LEU A 251 -19.43 28.52 17.82
C LEU A 251 -18.17 29.09 18.47
N SER A 252 -17.71 28.44 19.52
CA SER A 252 -16.58 28.93 20.28
C SER A 252 -15.34 28.07 20.02
N ALA A 253 -14.18 28.69 20.23
CA ALA A 253 -12.90 28.00 20.22
C ALA A 253 -12.63 27.50 21.63
N ILE A 254 -12.58 26.18 21.81
CA ILE A 254 -12.48 25.65 23.16
C ILE A 254 -11.08 25.91 23.72
N MET A 255 -11.04 26.33 24.97
CA MET A 255 -9.79 26.44 25.71
C MET A 255 -9.35 25.06 26.16
N HIS A 256 -8.09 24.71 25.91
CA HIS A 256 -7.60 23.40 26.26
C HIS A 256 -6.11 23.46 26.54
N ARG A 257 -5.62 22.39 27.15
CA ARG A 257 -4.24 22.33 27.60
C ARG A 257 -3.83 20.87 27.68
N VAL A 258 -2.55 20.64 27.92
CA VAL A 258 -2.02 19.31 28.20
C VAL A 258 -1.36 19.38 29.56
N SER A 259 -1.82 18.54 30.48
CA SER A 259 -1.31 18.58 31.84
C SER A 259 0.16 18.14 31.86
N HIS A 260 0.83 18.51 32.95
CA HIS A 260 2.20 18.07 33.16
C HIS A 260 2.30 16.56 33.01
N GLN A 261 3.25 16.12 32.19
CA GLN A 261 3.43 14.69 31.90
C GLN A 261 4.57 14.14 32.74
N ASN A 262 4.29 13.09 33.51
CA ASN A 262 5.32 12.38 34.28
C ASN A 262 5.99 11.28 33.47
N PHE A 263 5.35 10.80 32.41
CA PHE A 263 5.95 9.92 31.42
C PHE A 263 5.75 10.57 30.06
N ASP A 264 6.58 10.19 29.11
CA ASP A 264 6.52 10.79 27.79
C ASP A 264 5.15 10.56 27.15
N ARG A 265 4.76 11.53 26.31
CA ARG A 265 3.48 11.50 25.61
C ARG A 265 3.73 12.03 24.21
N SER A 266 3.04 11.48 23.22
CA SER A 266 3.13 11.98 21.86
C SER A 266 1.74 12.02 21.24
N SER A 267 1.60 12.86 20.21
CA SER A 267 0.33 13.05 19.53
C SER A 267 0.60 13.81 18.23
N PHE A 268 -0.43 13.92 17.40
CA PHE A 268 -0.31 14.76 16.21
C PHE A 268 -1.68 15.32 15.85
N GLY A 269 -1.66 16.39 15.08
CA GLY A 269 -2.88 17.10 14.75
C GLY A 269 -2.83 17.69 13.36
N HIS A 270 -4.00 17.79 12.74
CA HIS A 270 -4.18 18.46 11.46
C HIS A 270 -4.98 19.75 11.72
N PHE A 271 -4.43 20.87 11.30
CA PHE A 271 -4.98 22.19 11.56
C PHE A 271 -5.37 22.85 10.25
N SER A 272 -6.59 23.38 10.18
CA SER A 272 -7.08 24.09 9.00
C SER A 272 -7.19 25.57 9.33
N SER A 273 -6.53 26.41 8.53
CA SER A 273 -6.53 27.84 8.76
C SER A 273 -6.78 28.57 7.45
N SER A 274 -7.28 29.80 7.58
CA SER A 274 -7.38 30.69 6.42
C SER A 274 -6.00 30.84 5.80
N ARG A 275 -5.94 30.76 4.46
CA ARG A 275 -4.68 30.79 3.76
C ARG A 275 -3.78 31.92 4.26
N CYS A 276 -2.66 31.53 4.89
CA CYS A 276 -1.73 32.44 5.54
C CYS A 276 -0.33 32.26 4.94
N LEU A 277 -0.22 32.50 3.66
CA LEU A 277 1.11 32.36 3.11
C LEU A 277 1.89 33.64 3.39
N PRO A 278 3.22 33.55 3.52
CA PRO A 278 4.01 34.77 3.80
C PRO A 278 3.70 35.93 2.86
N GLY A 279 3.42 35.63 1.58
CA GLY A 279 3.02 36.63 0.62
C GLY A 279 1.61 36.47 0.08
N ALA A 280 0.78 35.62 0.70
CA ALA A 280 -0.58 35.41 0.21
C ALA A 280 -1.60 35.19 1.32
N ASP A 281 -1.84 36.19 2.17
CA ASP A 281 -2.79 36.06 3.29
C ASP A 281 -4.24 36.33 2.86
N ASP A 282 -5.13 35.42 3.24
CA ASP A 282 -6.56 35.51 2.93
C ASP A 282 -7.39 36.30 3.95
N GLY A 283 -6.86 36.57 5.15
CA GLY A 283 -7.59 37.36 6.12
C GLY A 283 -8.63 36.58 6.91
N ILE A 284 -9.09 37.21 7.99
CA ILE A 284 -10.04 36.62 8.94
C ILE A 284 -11.31 37.47 8.95
N TYR A 285 -12.46 36.82 8.81
CA TYR A 285 -13.72 37.53 8.58
C TYR A 285 -14.77 37.17 9.63
N ARG A 286 -15.65 38.13 9.88
CA ARG A 286 -16.86 37.95 10.67
C ARG A 286 -18.06 37.98 9.73
N TYR A 287 -18.99 37.05 9.87
CA TYR A 287 -20.16 37.03 9.01
C TYR A 287 -21.34 37.74 9.70
N LEU A 288 -21.94 38.68 9.00
CA LEU A 288 -23.14 39.37 9.48
C LEU A 288 -24.13 39.54 8.33
N PRO A 289 -25.33 38.96 8.41
CA PRO A 289 -26.27 39.10 7.28
C PRO A 289 -26.47 40.56 6.86
N SER A 290 -26.52 41.47 7.83
CA SER A 290 -26.74 42.88 7.52
C SER A 290 -25.57 43.49 6.74
N ALA A 291 -24.37 42.93 6.85
CA ALA A 291 -23.19 43.50 6.21
C ALA A 291 -22.39 42.53 5.35
N GLY A 292 -22.64 41.23 5.42
CA GLY A 292 -21.81 40.31 4.68
C GLY A 292 -20.61 39.92 5.52
N LEU A 293 -19.43 39.80 4.91
CA LEU A 293 -18.24 39.42 5.64
C LEU A 293 -17.41 40.67 5.86
N GLU A 294 -17.03 40.91 7.10
CA GLU A 294 -16.20 42.07 7.45
C GLU A 294 -14.85 41.57 7.92
N ARG A 295 -13.79 42.13 7.34
CA ARG A 295 -12.45 41.71 7.70
C ARG A 295 -12.13 42.18 9.10
N VAL A 296 -11.52 41.29 9.87
CA VAL A 296 -11.13 41.56 11.25
C VAL A 296 -9.62 41.74 11.36
N CYS A 297 -8.87 40.81 10.78
CA CYS A 297 -7.41 40.84 10.81
C CYS A 297 -6.89 39.92 9.73
N GLY A 298 -5.56 39.80 9.65
CA GLY A 298 -4.94 38.85 8.75
C GLY A 298 -4.76 37.50 9.39
N SER A 299 -4.62 36.47 8.54
CA SER A 299 -4.53 35.10 9.04
C SER A 299 -3.20 34.85 9.75
N ARG A 300 -2.09 35.16 9.09
CA ARG A 300 -0.79 35.00 9.75
C ARG A 300 -0.69 35.90 10.98
N GLU A 301 -1.28 37.10 10.91
CA GLU A 301 -1.30 37.99 12.06
C GLU A 301 -1.96 37.31 13.26
N LEU A 302 -3.09 36.63 13.04
CA LEU A 302 -3.75 35.92 14.13
C LEU A 302 -2.87 34.81 14.69
N ILE A 303 -2.15 34.10 13.80
CA ILE A 303 -1.32 33.00 14.23
C ILE A 303 -0.15 33.49 15.07
N GLU A 304 0.56 34.52 14.59
CA GLU A 304 1.72 35.02 15.31
C GLU A 304 1.33 35.60 16.67
N GLU A 305 0.19 36.29 16.73
CA GLU A 305 -0.28 36.83 18.00
C GLU A 305 -0.66 35.72 18.97
N ASN A 306 -1.30 34.65 18.47
CA ASN A 306 -1.70 33.54 19.33
C ASN A 306 -0.49 32.83 19.91
N ASP A 307 0.51 32.54 19.07
CA ASP A 307 1.72 31.89 19.55
C ASP A 307 2.41 32.72 20.63
N HIS A 308 2.30 34.05 20.55
CA HIS A 308 2.83 34.90 21.61
C HIS A 308 1.98 34.81 22.87
N GLU A 309 0.66 34.68 22.71
CA GLU A 309 -0.22 34.54 23.88
C GLU A 309 -0.02 33.19 24.57
N ILE A 310 0.07 32.12 23.77
CA ILE A 310 0.13 30.76 24.33
C ILE A 310 1.35 30.61 25.24
N TYR A 311 2.53 30.92 24.72
CA TYR A 311 3.76 30.71 25.47
C TYR A 311 4.20 32.01 26.13
N MET A 312 3.30 32.58 26.93
CA MET A 312 3.50 33.83 27.65
C MET A 312 4.20 34.89 26.80
N ARG B 33 -22.73 -6.82 -28.08
CA ARG B 33 -22.77 -5.40 -28.37
C ARG B 33 -22.51 -4.57 -27.11
N THR B 34 -22.90 -5.11 -25.95
CA THR B 34 -22.78 -4.41 -24.68
C THR B 34 -21.96 -5.27 -23.71
N ALA B 35 -20.96 -4.66 -23.10
CA ALA B 35 -20.09 -5.38 -22.18
C ALA B 35 -20.78 -5.50 -20.82
N ASP B 36 -20.52 -6.61 -20.14
CA ASP B 36 -21.05 -6.86 -18.82
C ASP B 36 -19.90 -6.69 -17.84
N LEU B 37 -19.92 -5.59 -17.09
CA LEU B 37 -18.81 -5.23 -16.22
C LEU B 37 -19.14 -5.56 -14.77
N GLU B 38 -18.11 -5.95 -14.02
CA GLU B 38 -18.20 -6.12 -12.59
C GLU B 38 -18.31 -4.77 -11.91
N ARG B 39 -19.08 -4.70 -10.83
CA ARG B 39 -19.27 -3.46 -10.09
C ARG B 39 -18.61 -3.58 -8.72
N ALA B 40 -17.83 -2.57 -8.35
CA ALA B 40 -17.14 -2.54 -7.07
C ALA B 40 -17.47 -1.25 -6.33
N ARG B 41 -17.10 -1.22 -5.05
CA ARG B 41 -17.24 -0.03 -4.22
C ARG B 41 -16.08 0.01 -3.23
N LEU B 42 -15.65 1.22 -2.88
CA LEU B 42 -14.62 1.37 -1.88
C LEU B 42 -15.20 1.11 -0.50
N GLY B 43 -14.66 0.11 0.19
CA GLY B 43 -15.11 -0.25 1.52
C GLY B 43 -14.02 -0.08 2.56
N ASP B 44 -14.21 -0.67 3.74
CA ASP B 44 -13.25 -0.49 4.83
C ASP B 44 -11.92 -1.16 4.52
N ASP B 45 -11.94 -2.29 3.80
CA ASP B 45 -10.72 -3.02 3.49
C ASP B 45 -10.24 -2.76 2.07
N GLY B 46 -10.80 -1.76 1.40
CA GLY B 46 -10.41 -1.45 0.04
C GLY B 46 -11.50 -1.73 -0.96
N LEU B 47 -11.10 -2.13 -2.17
CA LEU B 47 -12.06 -2.39 -3.23
C LEU B 47 -12.89 -3.62 -2.87
N ASP B 48 -14.20 -3.44 -2.79
CA ASP B 48 -15.12 -4.53 -2.50
C ASP B 48 -15.89 -4.85 -3.77
N PHE B 49 -15.53 -5.98 -4.38
CA PHE B 49 -16.35 -6.60 -5.42
C PHE B 49 -17.34 -7.53 -4.73
N GLN B 50 -18.16 -8.22 -5.53
CA GLN B 50 -19.12 -9.15 -4.95
C GLN B 50 -18.43 -10.37 -4.37
N ASP B 51 -17.37 -10.85 -5.02
CA ASP B 51 -16.63 -12.01 -4.54
C ASP B 51 -15.24 -11.96 -5.18
N ASP B 52 -14.41 -12.94 -4.82
CA ASP B 52 -13.03 -12.94 -5.31
C ASP B 52 -12.96 -13.27 -6.79
N ALA B 53 -13.87 -14.08 -7.31
CA ALA B 53 -13.87 -14.37 -8.74
C ALA B 53 -14.26 -13.15 -9.56
N ALA B 54 -15.14 -12.31 -9.01
CA ALA B 54 -15.50 -11.07 -9.69
C ALA B 54 -14.33 -10.09 -9.75
N GLN B 55 -13.57 -10.00 -8.66
CA GLN B 55 -12.40 -9.13 -8.66
C GLN B 55 -11.34 -9.62 -9.66
N ALA B 56 -11.17 -10.93 -9.78
CA ALA B 56 -10.21 -11.48 -10.72
C ALA B 56 -10.65 -11.24 -12.16
N ARG B 57 -11.95 -11.38 -12.44
CA ARG B 57 -12.44 -11.09 -13.78
C ARG B 57 -12.28 -9.61 -14.09
N ALA B 58 -12.65 -8.74 -13.14
CA ALA B 58 -12.54 -7.30 -13.37
C ALA B 58 -11.10 -6.90 -13.67
N PHE B 59 -10.15 -7.39 -12.88
CA PHE B 59 -8.76 -7.02 -13.11
C PHE B 59 -8.24 -7.64 -14.40
N ALA B 60 -8.71 -8.84 -14.74
CA ALA B 60 -8.29 -9.48 -15.98
C ALA B 60 -8.89 -8.79 -17.20
N GLN B 61 -10.14 -8.33 -17.09
CA GLN B 61 -10.74 -7.60 -18.20
C GLN B 61 -10.10 -6.23 -18.37
N GLY B 62 -9.58 -5.65 -17.28
CA GLY B 62 -8.96 -4.34 -17.32
C GLY B 62 -9.93 -3.18 -17.24
N VAL B 63 -11.19 -3.44 -16.87
CA VAL B 63 -12.20 -2.40 -16.78
C VAL B 63 -13.29 -2.90 -15.84
N PHE B 64 -13.83 -1.98 -15.04
CA PHE B 64 -14.94 -2.31 -14.16
C PHE B 64 -15.63 -1.01 -13.74
N LEU B 65 -16.77 -1.16 -13.07
CA LEU B 65 -17.51 -0.03 -12.56
C LEU B 65 -17.20 0.17 -11.08
N LEU B 66 -17.06 1.42 -10.68
CA LEU B 66 -16.78 1.80 -9.30
C LEU B 66 -17.86 2.76 -8.84
N GLU B 67 -18.58 2.37 -7.79
CA GLU B 67 -19.66 3.21 -7.28
C GLU B 67 -19.11 4.58 -6.86
N ILE B 68 -19.87 5.62 -7.19
CA ILE B 68 -19.50 6.98 -6.84
C ILE B 68 -19.91 7.19 -5.39
N PRO B 69 -19.01 7.57 -4.50
CA PRO B 69 -19.41 7.83 -3.11
C PRO B 69 -20.52 8.88 -3.05
N GLU B 70 -21.54 8.62 -2.23
CA GLU B 70 -22.66 9.55 -2.17
C GLU B 70 -22.25 10.94 -1.74
N TRP B 71 -21.17 11.05 -0.96
CA TRP B 71 -20.76 12.37 -0.46
C TRP B 71 -20.01 13.20 -1.48
N LEU B 72 -19.58 12.60 -2.60
CA LEU B 72 -18.72 13.27 -3.56
C LEU B 72 -19.58 14.00 -4.61
N ASP B 73 -19.47 15.32 -4.64
CA ASP B 73 -20.23 16.14 -5.58
C ASP B 73 -19.52 16.19 -6.92
N LEU B 74 -20.20 15.77 -7.99
CA LEU B 74 -19.63 15.80 -9.33
C LEU B 74 -20.21 16.93 -10.18
N SER B 75 -21.12 17.73 -9.63
CA SER B 75 -21.90 18.65 -10.46
C SER B 75 -21.06 19.80 -11.02
N ALA B 76 -20.04 20.24 -10.27
CA ALA B 76 -19.17 21.28 -10.81
C ALA B 76 -18.29 20.75 -11.92
N GLY B 77 -17.80 19.51 -11.78
CA GLY B 77 -17.06 18.89 -12.86
C GLY B 77 -17.91 18.66 -14.08
N ASP B 78 -19.15 18.19 -13.88
CA ASP B 78 -20.08 18.03 -15.00
C ASP B 78 -20.27 19.34 -15.74
N ARG B 79 -20.49 20.43 -14.99
CA ARG B 79 -20.69 21.74 -15.59
C ARG B 79 -19.43 22.22 -16.31
N PHE B 80 -18.25 21.98 -15.71
CA PHE B 80 -16.99 22.38 -16.35
C PHE B 80 -16.80 21.67 -17.68
N ALA B 81 -17.11 20.36 -17.74
CA ALA B 81 -16.99 19.61 -18.99
C ALA B 81 -17.89 20.16 -20.08
N ARG B 82 -19.05 20.73 -19.71
CA ARG B 82 -19.95 21.33 -20.69
C ARG B 82 -19.56 22.74 -21.10
N GLN B 83 -18.65 23.40 -20.37
CA GLN B 83 -18.42 24.83 -20.57
C GLN B 83 -17.01 25.21 -21.00
N PHE B 84 -15.99 24.41 -20.68
CA PHE B 84 -14.61 24.90 -20.79
C PHE B 84 -14.26 25.36 -22.20
N PHE B 85 -14.93 24.82 -23.22
CA PHE B 85 -14.60 25.08 -24.61
C PHE B 85 -15.28 26.31 -25.19
N GLN B 86 -16.12 27.01 -24.42
CA GLN B 86 -17.00 28.02 -24.98
C GLN B 86 -16.42 29.44 -24.99
N GLY B 87 -15.30 29.69 -24.33
CA GLY B 87 -14.66 30.99 -24.36
C GLY B 87 -15.13 31.90 -23.24
N THR B 88 -14.40 33.03 -23.10
CA THR B 88 -14.56 33.90 -21.94
C THR B 88 -15.94 34.51 -21.79
N GLY B 89 -16.79 34.49 -22.83
CA GLY B 89 -18.12 35.04 -22.66
C GLY B 89 -19.01 34.21 -21.75
N VAL B 90 -18.66 32.94 -21.52
CA VAL B 90 -19.54 32.00 -20.84
C VAL B 90 -18.98 31.73 -19.45
N GLU B 91 -19.78 32.03 -18.43
CA GLU B 91 -19.44 31.95 -17.02
C GLU B 91 -20.03 30.68 -16.41
N PRO B 92 -19.33 30.05 -15.44
CA PRO B 92 -18.04 30.48 -14.88
C PRO B 92 -16.79 29.84 -15.48
N TYR B 93 -16.92 28.93 -16.44
CA TYR B 93 -15.80 28.09 -16.86
C TYR B 93 -15.36 28.29 -18.31
N GLY B 94 -16.07 29.10 -19.09
CA GLY B 94 -15.75 29.19 -20.51
C GLY B 94 -14.36 29.74 -20.79
N LYS B 95 -13.83 30.57 -19.89
CA LYS B 95 -12.55 31.22 -20.13
C LYS B 95 -11.40 30.23 -20.25
N TYR B 96 -11.56 28.99 -19.77
CA TYR B 96 -10.48 28.03 -19.85
C TYR B 96 -10.15 27.60 -21.28
N ARG B 97 -11.02 27.93 -22.23
CA ARG B 97 -10.71 27.72 -23.65
C ARG B 97 -9.48 28.49 -24.09
N ASP B 98 -9.20 29.63 -23.45
CA ASP B 98 -8.12 30.51 -23.86
C ASP B 98 -6.77 30.14 -23.25
N LEU B 99 -6.71 29.11 -22.41
CA LEU B 99 -5.47 28.68 -21.76
C LEU B 99 -4.87 27.53 -22.55
N SER B 100 -3.83 27.83 -23.33
CA SER B 100 -3.14 26.83 -24.13
C SER B 100 -1.93 26.31 -23.38
N SER B 101 -1.17 25.42 -24.04
CA SER B 101 -0.05 24.76 -23.38
C SER B 101 1.06 25.75 -23.02
N GLU B 102 1.19 26.84 -23.77
CA GLU B 102 2.27 27.78 -23.51
C GLU B 102 2.16 28.41 -22.12
N HIS B 103 0.94 28.52 -21.59
CA HIS B 103 0.75 29.10 -20.26
C HIS B 103 1.31 28.22 -19.15
N PHE B 104 1.66 26.96 -19.45
CA PHE B 104 2.01 25.98 -18.42
C PHE B 104 3.42 25.42 -18.55
N GLY B 105 4.16 25.77 -19.60
CA GLY B 105 5.47 25.17 -19.81
C GLY B 105 5.43 23.68 -20.04
N ASP B 106 4.28 23.15 -20.43
CA ASP B 106 4.08 21.73 -20.67
C ASP B 106 3.14 21.60 -21.85
N GLU B 107 3.65 21.07 -22.96
CA GLU B 107 2.87 21.03 -24.19
C GLU B 107 1.64 20.13 -24.09
N LEU B 108 1.60 19.22 -23.13
CA LEU B 108 0.46 18.32 -22.99
C LEU B 108 -0.74 18.97 -22.31
N LEU B 109 -0.58 20.17 -21.74
CA LEU B 109 -1.58 20.76 -20.87
C LEU B 109 -2.36 21.85 -21.58
N GLY B 110 -3.46 22.24 -20.95
CA GLY B 110 -4.27 23.32 -21.47
C GLY B 110 -5.33 22.82 -22.41
N TYR B 111 -5.91 23.76 -23.15
CA TYR B 111 -6.92 23.41 -24.13
C TYR B 111 -6.29 22.77 -25.36
N HIS B 112 -6.93 21.73 -25.88
CA HIS B 112 -6.46 21.04 -27.08
C HIS B 112 -7.64 20.63 -27.93
N SER B 113 -7.67 21.11 -29.17
CA SER B 113 -8.59 20.58 -30.16
C SER B 113 -7.94 19.38 -30.83
N ARG B 114 -8.59 18.21 -30.74
CA ARG B 114 -8.03 17.01 -31.31
C ARG B 114 -8.53 16.81 -32.75
N VAL B 115 -7.93 15.84 -33.43
CA VAL B 115 -8.34 15.54 -34.80
C VAL B 115 -9.66 14.78 -34.85
N ASP B 116 -10.06 14.11 -33.77
CA ASP B 116 -11.37 13.48 -33.70
C ASP B 116 -12.41 14.52 -33.25
N GLN B 117 -13.63 14.09 -32.92
CA GLN B 117 -14.64 15.04 -32.45
C GLN B 117 -14.21 15.71 -31.15
N LEU B 118 -13.34 15.05 -30.40
CA LEU B 118 -12.99 15.47 -29.05
C LEU B 118 -12.21 16.79 -29.03
N GLU B 119 -12.55 17.66 -28.10
CA GLU B 119 -11.69 18.73 -27.63
C GLU B 119 -11.54 18.59 -26.13
N GLN B 120 -10.39 19.00 -25.61
CA GLN B 120 -10.02 18.68 -24.23
C GLN B 120 -9.43 19.88 -23.51
N PHE B 121 -9.53 19.83 -22.19
CA PHE B 121 -8.72 20.65 -21.31
C PHE B 121 -8.05 19.73 -20.30
N LEU B 122 -6.72 19.71 -20.30
CA LEU B 122 -5.93 18.83 -19.45
C LEU B 122 -5.08 19.66 -18.50
N LEU B 123 -5.04 19.25 -17.22
CA LEU B 123 -4.24 19.96 -16.24
C LEU B 123 -3.71 18.99 -15.20
N GLU B 124 -2.41 19.06 -14.95
CA GLU B 124 -1.76 18.22 -13.95
C GLU B 124 -1.89 18.84 -12.55
N ARG B 125 -1.86 17.97 -11.55
CA ARG B 125 -2.15 18.35 -10.17
C ARG B 125 -1.33 19.53 -9.67
N ARG B 126 -0.09 19.70 -10.16
CA ARG B 126 0.72 20.80 -9.64
C ARG B 126 0.11 22.16 -9.96
N PHE B 127 -0.80 22.23 -10.93
CA PHE B 127 -1.41 23.49 -11.33
C PHE B 127 -2.84 23.67 -10.84
N TRP B 128 -3.43 22.65 -10.20
CA TRP B 128 -4.85 22.71 -9.85
C TRP B 128 -5.16 23.91 -8.94
N GLY B 129 -4.44 24.02 -7.83
CA GLY B 129 -4.74 25.08 -6.88
C GLY B 129 -4.63 26.47 -7.49
N GLU B 130 -3.64 26.68 -8.35
CA GLU B 130 -3.39 27.99 -8.93
C GLU B 130 -4.32 28.31 -10.09
N VAL B 131 -4.61 27.32 -10.94
CA VAL B 131 -5.29 27.58 -12.21
C VAL B 131 -6.76 27.20 -12.18
N TYR B 132 -7.10 26.03 -11.63
CA TYR B 132 -8.48 25.57 -11.68
C TYR B 132 -9.37 26.38 -10.74
N PRO B 133 -10.67 26.45 -11.01
CA PRO B 133 -11.59 27.00 -10.00
C PRO B 133 -11.49 26.17 -8.73
N SER B 134 -11.70 26.82 -7.59
CA SER B 134 -11.44 26.17 -6.30
C SER B 134 -12.20 24.86 -6.17
N GLU B 135 -13.46 24.83 -6.62
CA GLU B 135 -14.25 23.61 -6.53
C GLU B 135 -13.78 22.53 -7.51
N ILE B 136 -13.12 22.90 -8.60
CA ILE B 136 -12.58 21.90 -9.52
C ILE B 136 -11.30 21.29 -8.95
N ALA B 137 -10.43 22.12 -8.38
CA ALA B 137 -9.26 21.58 -7.69
C ALA B 137 -9.68 20.63 -6.58
N THR B 138 -10.76 20.95 -5.86
CA THR B 138 -11.27 20.07 -4.82
C THR B 138 -11.69 18.72 -5.39
N LEU B 139 -12.43 18.75 -6.50
CA LEU B 139 -12.82 17.51 -7.17
C LEU B 139 -11.60 16.68 -7.54
N GLY B 140 -10.58 17.34 -8.11
CA GLY B 140 -9.35 16.63 -8.44
C GLY B 140 -8.69 15.97 -7.25
N GLU B 141 -8.62 16.67 -6.11
CA GLU B 141 -8.00 16.08 -4.92
C GLU B 141 -8.78 14.88 -4.42
N HIS B 142 -10.11 14.99 -4.37
CA HIS B 142 -10.92 13.86 -3.90
C HIS B 142 -10.80 12.65 -4.83
N LEU B 143 -10.73 12.89 -6.14
CA LEU B 143 -10.55 11.78 -7.07
C LEU B 143 -9.16 11.15 -6.92
N THR B 144 -8.15 11.95 -6.55
CA THR B 144 -6.81 11.42 -6.30
C THR B 144 -6.80 10.44 -5.12
N LEU B 145 -7.53 10.75 -4.05
CA LEU B 145 -7.60 9.85 -2.90
C LEU B 145 -8.34 8.58 -3.28
N LEU B 146 -9.44 8.73 -4.00
CA LEU B 146 -10.18 7.57 -4.48
C LEU B 146 -9.30 6.67 -5.36
N SER B 147 -8.58 7.27 -6.31
CA SER B 147 -7.69 6.49 -7.17
C SER B 147 -6.53 5.89 -6.37
N HIS B 148 -6.03 6.63 -5.39
CA HIS B 148 -4.99 6.12 -4.51
C HIS B 148 -5.43 4.81 -3.85
N ARG B 149 -6.66 4.77 -3.32
CA ARG B 149 -7.15 3.57 -2.67
C ARG B 149 -7.40 2.44 -3.66
N VAL B 150 -7.89 2.75 -4.86
CA VAL B 150 -8.08 1.71 -5.87
C VAL B 150 -6.75 1.09 -6.25
N LEU B 151 -5.73 1.92 -6.47
CA LEU B 151 -4.45 1.42 -6.95
C LEU B 151 -3.77 0.53 -5.91
N ARG B 152 -3.82 0.93 -4.64
CA ARG B 152 -3.20 0.11 -3.59
C ARG B 152 -3.87 -1.24 -3.48
N SER B 153 -5.18 -1.31 -3.71
CA SER B 153 -5.87 -2.59 -3.74
C SER B 153 -5.39 -3.46 -4.90
N VAL B 154 -5.11 -2.85 -6.06
CA VAL B 154 -4.62 -3.61 -7.20
C VAL B 154 -3.19 -4.10 -6.95
N LEU B 155 -2.32 -3.22 -6.43
CA LEU B 155 -0.94 -3.62 -6.18
C LEU B 155 -0.89 -4.78 -5.18
N ALA B 156 -1.78 -4.76 -4.18
CA ALA B 156 -1.83 -5.86 -3.22
C ALA B 156 -2.25 -7.16 -3.89
N SER B 157 -3.27 -7.11 -4.76
CA SER B 157 -3.76 -8.31 -5.44
C SER B 157 -2.73 -8.90 -6.39
N ALA B 158 -1.79 -8.10 -6.89
CA ALA B 158 -0.76 -8.57 -7.80
C ALA B 158 0.41 -9.25 -7.09
N GLY B 159 0.46 -9.21 -5.76
CA GLY B 159 1.53 -9.86 -5.03
C GLY B 159 2.83 -9.07 -4.96
N ILE B 160 2.80 -7.80 -5.33
CA ILE B 160 4.00 -6.95 -5.23
C ILE B 160 4.28 -6.63 -3.77
N PRO B 161 5.51 -6.83 -3.28
CA PRO B 161 5.82 -6.46 -1.90
C PRO B 161 5.59 -4.96 -1.66
N GLU B 162 5.04 -4.66 -0.48
CA GLU B 162 4.58 -3.32 -0.19
C GLU B 162 5.70 -2.29 -0.25
N GLU B 163 6.93 -2.67 0.15
CA GLU B 163 8.02 -1.70 0.10
C GLU B 163 8.47 -1.38 -1.32
N ASP B 164 7.97 -2.08 -2.33
CA ASP B 164 8.22 -1.70 -3.72
C ASP B 164 7.07 -0.89 -4.32
N TRP B 165 5.99 -0.62 -3.56
CA TRP B 165 4.83 0.03 -4.15
C TRP B 165 5.16 1.42 -4.67
N HIS B 166 5.93 2.20 -3.91
CA HIS B 166 6.18 3.60 -4.27
C HIS B 166 6.95 3.69 -5.58
N ARG B 167 8.03 2.90 -5.71
CA ARG B 167 8.80 2.93 -6.95
C ARG B 167 8.04 2.26 -8.10
N ALA B 168 7.30 1.18 -7.80
CA ALA B 168 6.56 0.50 -8.85
C ALA B 168 5.47 1.39 -9.44
N SER B 169 4.90 2.30 -8.63
CA SER B 169 3.82 3.16 -9.08
C SER B 169 4.27 4.58 -9.37
N GLY B 170 5.57 4.86 -9.31
CA GLY B 170 6.05 6.22 -9.52
C GLY B 170 5.45 7.23 -8.57
N GLY B 171 5.11 6.81 -7.35
CA GLY B 171 4.53 7.69 -6.36
C GLY B 171 3.02 7.56 -6.20
N CYS B 172 2.34 6.86 -7.11
CA CYS B 172 0.88 6.79 -7.05
C CYS B 172 0.36 5.92 -5.93
N SER B 173 1.20 5.05 -5.34
CA SER B 173 0.77 4.32 -4.15
C SER B 173 0.68 5.21 -2.92
N GLU B 174 1.25 6.42 -2.99
CA GLU B 174 1.05 7.42 -1.94
C GLU B 174 0.31 8.57 -2.61
N THR B 175 0.86 9.79 -2.56
CA THR B 175 0.27 10.92 -3.29
C THR B 175 1.34 11.67 -4.07
N ASN B 176 2.39 10.98 -4.49
CA ASN B 176 3.54 11.57 -5.17
C ASN B 176 3.55 11.30 -6.67
N GLY B 177 2.49 10.72 -7.22
CA GLY B 177 2.43 10.48 -8.65
C GLY B 177 2.18 11.76 -9.42
N SER B 178 1.98 11.58 -10.74
CA SER B 178 1.46 12.64 -11.61
C SER B 178 -0.02 12.37 -11.85
N TYR B 179 -0.84 13.42 -11.69
CA TYR B 179 -2.29 13.29 -11.77
C TYR B 179 -2.85 14.34 -12.71
N HIS B 180 -3.60 13.92 -13.70
CA HIS B 180 -4.26 14.82 -14.64
C HIS B 180 -5.76 14.74 -14.46
N LEU B 181 -6.39 15.90 -14.26
CA LEU B 181 -7.84 16.02 -14.32
C LEU B 181 -8.16 16.60 -15.69
N THR B 182 -8.84 15.82 -16.53
CA THR B 182 -9.00 16.14 -17.94
C THR B 182 -10.48 16.15 -18.31
N PHE B 183 -10.91 17.20 -18.99
CA PHE B 183 -12.30 17.38 -19.36
C PHE B 183 -12.47 17.21 -20.87
N ASN B 184 -13.54 16.54 -21.25
CA ASN B 184 -13.76 16.12 -22.63
C ASN B 184 -15.09 16.69 -23.14
N HIS B 185 -15.05 17.23 -24.35
CA HIS B 185 -16.26 17.63 -25.06
C HIS B 185 -16.17 17.10 -26.49
N TYR B 186 -17.24 16.44 -26.94
CA TYR B 186 -17.29 15.84 -28.26
C TYR B 186 -18.16 16.71 -29.16
N ARG B 187 -17.53 17.30 -30.17
CA ARG B 187 -18.20 18.21 -31.09
C ARG B 187 -18.92 17.38 -32.15
N SER B 188 -20.24 17.22 -31.98
CA SER B 188 -21.01 16.37 -32.88
C SER B 188 -21.02 16.89 -34.31
N ALA B 189 -20.73 18.18 -34.51
CA ALA B 189 -20.67 18.72 -35.86
C ALA B 189 -19.48 18.21 -36.66
N HIS B 190 -18.46 17.67 -36.00
CA HIS B 190 -17.32 17.13 -36.71
C HIS B 190 -17.60 15.71 -37.19
N GLN B 191 -17.23 15.44 -38.43
CA GLN B 191 -17.48 14.17 -39.12
C GLN B 191 -16.40 13.14 -38.82
N ASP B 192 -16.09 12.91 -37.55
CA ASP B 192 -15.08 11.94 -37.20
C ASP B 192 -15.62 10.97 -36.14
N ILE B 193 -14.76 10.03 -35.78
CA ILE B 193 -15.02 9.20 -34.62
C ILE B 193 -14.93 10.09 -33.38
N GLY B 194 -15.61 9.68 -32.31
CA GLY B 194 -15.56 10.48 -31.10
C GLY B 194 -14.15 10.62 -30.56
N LEU B 195 -13.50 9.47 -30.33
CA LEU B 195 -12.11 9.44 -29.90
C LEU B 195 -11.53 8.12 -30.39
N SER B 196 -10.39 8.19 -31.07
CA SER B 196 -9.83 7.01 -31.71
C SER B 196 -9.47 5.94 -30.68
N SER B 197 -9.43 4.69 -31.16
CA SER B 197 -9.01 3.56 -30.34
C SER B 197 -7.64 3.83 -29.73
N HIS B 198 -7.50 3.54 -28.44
CA HIS B 198 -6.27 3.85 -27.74
C HIS B 198 -6.25 3.14 -26.39
N LYS B 199 -5.10 3.21 -25.73
CA LYS B 199 -4.92 2.80 -24.35
C LYS B 199 -4.43 4.00 -23.56
N ASP B 200 -4.83 4.08 -22.30
CA ASP B 200 -4.33 5.14 -21.44
C ASP B 200 -2.87 4.87 -21.07
N ASP B 201 -2.18 5.95 -20.70
CA ASP B 201 -0.74 5.86 -20.43
C ASP B 201 -0.43 5.26 -19.07
N GLY B 202 -1.22 5.57 -18.06
CA GLY B 202 -0.76 5.50 -16.68
C GLY B 202 -1.13 4.20 -16.01
N PHE B 203 -1.42 4.30 -14.71
CA PHE B 203 -1.80 3.15 -13.93
C PHE B 203 -3.32 3.02 -13.81
N ILE B 204 -4.00 4.07 -13.35
CA ILE B 204 -5.44 4.03 -13.12
C ILE B 204 -6.09 5.23 -13.81
N THR B 205 -7.21 4.97 -14.48
CA THR B 205 -8.08 6.00 -15.00
C THR B 205 -9.44 5.87 -14.33
N VAL B 206 -9.94 6.97 -13.77
CA VAL B 206 -11.30 7.03 -13.21
C VAL B 206 -12.10 7.95 -14.13
N LEU B 207 -13.08 7.38 -14.81
CA LEU B 207 -13.82 8.10 -15.85
CA LEU B 207 -13.83 8.09 -15.85
C LEU B 207 -15.25 8.36 -15.38
N ARG B 208 -15.68 9.62 -15.50
CA ARG B 208 -17.05 10.04 -15.26
C ARG B 208 -17.73 10.30 -16.60
N THR B 209 -18.63 9.41 -16.97
CA THR B 209 -19.39 9.54 -18.20
C THR B 209 -20.84 9.16 -17.93
N THR B 210 -21.76 9.86 -18.60
CA THR B 210 -23.19 9.65 -18.39
C THR B 210 -23.97 9.47 -19.69
N ALA B 211 -23.30 9.41 -20.83
CA ALA B 211 -23.96 9.22 -22.11
C ALA B 211 -23.25 8.11 -22.87
N GLN B 212 -23.98 7.47 -23.77
CA GLN B 212 -23.41 6.40 -24.57
C GLN B 212 -22.26 6.93 -25.44
N GLY B 213 -21.39 6.00 -25.84
CA GLY B 213 -20.28 6.33 -26.70
C GLY B 213 -19.02 5.54 -26.40
N LEU B 214 -18.72 5.35 -25.12
CA LEU B 214 -17.53 4.59 -24.75
C LEU B 214 -17.68 3.14 -25.17
N GLU B 215 -16.64 2.59 -25.80
CA GLU B 215 -16.60 1.21 -26.24
C GLU B 215 -15.25 0.62 -25.89
N VAL B 216 -15.25 -0.67 -25.52
CA VAL B 216 -14.03 -1.37 -25.14
C VAL B 216 -13.83 -2.59 -26.02
N ASN B 217 -12.58 -2.94 -26.24
CA ASN B 217 -12.19 -4.15 -26.97
C ASN B 217 -11.49 -5.06 -25.94
N ARG B 218 -12.30 -5.80 -25.18
CA ARG B 218 -11.75 -6.71 -24.18
C ARG B 218 -11.12 -7.94 -24.82
N ASP B 219 -11.79 -8.54 -25.81
CA ASP B 219 -11.25 -9.69 -26.51
C ASP B 219 -10.90 -9.24 -27.92
N ASP B 220 -11.72 -9.53 -28.93
CA ASP B 220 -11.48 -9.01 -30.27
C ASP B 220 -12.76 -8.46 -30.87
N VAL B 221 -13.76 -8.15 -30.05
CA VAL B 221 -14.99 -7.51 -30.48
C VAL B 221 -15.16 -6.23 -29.68
N TRP B 222 -15.57 -5.16 -30.37
CA TRP B 222 -15.88 -3.91 -29.70
C TRP B 222 -17.24 -4.04 -29.03
N GLU B 223 -17.32 -3.59 -27.79
CA GLU B 223 -18.54 -3.70 -26.98
C GLU B 223 -18.83 -2.37 -26.32
N LYS B 224 -20.10 -1.99 -26.30
CA LYS B 224 -20.53 -0.81 -25.57
C LYS B 224 -20.34 -1.01 -24.07
N VAL B 225 -19.84 0.02 -23.41
CA VAL B 225 -19.83 0.04 -21.96
C VAL B 225 -21.19 0.58 -21.52
N PRO B 226 -21.95 -0.15 -20.72
CA PRO B 226 -23.28 0.33 -20.33
C PRO B 226 -23.19 1.61 -19.51
N VAL B 227 -24.19 2.46 -19.66
CA VAL B 227 -24.24 3.72 -18.93
C VAL B 227 -24.82 3.46 -17.55
N ASP B 228 -24.14 3.97 -16.52
CA ASP B 228 -24.59 3.85 -15.14
C ASP B 228 -24.21 5.14 -14.42
N PRO B 229 -25.17 6.05 -14.22
CA PRO B 229 -24.83 7.36 -13.64
C PRO B 229 -24.43 7.30 -12.18
N ALA B 230 -24.53 6.15 -11.53
CA ALA B 230 -24.08 5.99 -10.15
C ALA B 230 -22.65 5.46 -10.04
N CYS B 231 -21.95 5.26 -11.15
CA CYS B 231 -20.63 4.65 -11.12
C CYS B 231 -19.65 5.40 -12.01
N PHE B 232 -18.40 5.43 -11.59
CA PHE B 232 -17.30 5.73 -12.49
C PHE B 232 -16.98 4.49 -13.32
N VAL B 233 -16.33 4.72 -14.45
CA VAL B 233 -15.67 3.66 -15.20
C VAL B 233 -14.19 3.70 -14.86
N VAL B 234 -13.66 2.56 -14.42
CA VAL B 234 -12.24 2.44 -14.06
C VAL B 234 -11.57 1.53 -15.07
N ASN B 235 -10.40 1.94 -15.54
CA ASN B 235 -9.58 1.06 -16.35
C ASN B 235 -8.10 1.30 -16.04
N PHE B 236 -7.28 0.39 -16.53
CA PHE B 236 -5.83 0.44 -16.36
C PHE B 236 -5.18 1.01 -17.62
N GLY B 237 -4.01 1.61 -17.43
CA GLY B 237 -3.22 2.13 -18.52
C GLY B 237 -1.99 1.29 -18.81
N LEU B 238 -1.15 1.82 -19.72
CA LEU B 238 0.02 1.08 -20.19
C LEU B 238 1.00 0.81 -19.06
N SER B 239 1.18 1.77 -18.14
CA SER B 239 2.12 1.56 -17.05
C SER B 239 1.72 0.39 -16.16
N MET B 240 0.41 0.18 -15.96
CA MET B 240 -0.05 -0.99 -15.22
C MET B 240 0.29 -2.28 -15.97
N GLU B 241 0.04 -2.29 -17.28
CA GLU B 241 0.34 -3.46 -18.11
C GLU B 241 1.83 -3.80 -18.04
N ILE B 242 2.70 -2.81 -18.25
CA ILE B 242 4.13 -3.04 -18.16
C ILE B 242 4.51 -3.55 -16.79
N LEU B 243 3.97 -2.92 -15.74
CA LEU B 243 4.33 -3.28 -14.38
C LEU B 243 4.03 -4.74 -14.08
N THR B 244 2.87 -5.24 -14.49
CA THR B 244 2.43 -6.58 -14.16
C THR B 244 2.63 -7.60 -15.28
N SER B 245 3.44 -7.27 -16.29
CA SER B 245 3.55 -8.15 -17.44
C SER B 245 4.14 -9.52 -17.09
N ALA B 246 4.99 -9.57 -16.07
CA ALA B 246 5.61 -10.83 -15.66
C ALA B 246 4.87 -11.54 -14.53
N CYS B 247 3.74 -11.00 -14.09
CA CYS B 247 3.03 -11.59 -12.96
C CYS B 247 2.32 -12.87 -13.36
N VAL B 248 1.77 -13.55 -12.35
CA VAL B 248 0.97 -14.76 -12.59
C VAL B 248 -0.32 -14.40 -13.33
N THR B 249 -0.92 -13.26 -12.97
CA THR B 249 -2.11 -12.74 -13.64
C THR B 249 -1.76 -11.36 -14.20
N PRO B 250 -1.27 -11.30 -15.43
CA PRO B 250 -0.94 -9.98 -16.00
C PRO B 250 -2.21 -9.16 -16.20
N LEU B 251 -2.11 -7.88 -15.87
CA LEU B 251 -3.20 -6.94 -16.08
C LEU B 251 -2.93 -6.14 -17.36
N SER B 252 -3.96 -5.95 -18.16
CA SER B 252 -3.79 -5.30 -19.45
C SER B 252 -4.37 -3.89 -19.42
N ALA B 253 -3.84 -3.06 -20.34
CA ALA B 253 -4.41 -1.75 -20.59
C ALA B 253 -5.48 -1.92 -21.66
N ILE B 254 -6.74 -1.74 -21.28
CA ILE B 254 -7.82 -2.04 -22.20
C ILE B 254 -7.83 -1.04 -23.33
N MET B 255 -8.00 -1.54 -24.55
CA MET B 255 -8.20 -0.70 -25.71
C MET B 255 -9.65 -0.21 -25.72
N HIS B 256 -9.83 1.10 -25.91
CA HIS B 256 -11.16 1.67 -25.89
C HIS B 256 -11.21 2.88 -26.80
N ARG B 257 -12.44 3.30 -27.11
CA ARG B 257 -12.70 4.41 -28.02
C ARG B 257 -14.05 5.01 -27.67
N VAL B 258 -14.37 6.12 -28.31
CA VAL B 258 -15.68 6.74 -28.20
C VAL B 258 -16.26 6.83 -29.61
N SER B 259 -17.43 6.23 -29.79
CA SER B 259 -18.05 6.20 -31.11
C SER B 259 -18.44 7.61 -31.54
N HIS B 260 -18.64 7.75 -32.86
CA HIS B 260 -19.10 9.02 -33.42
C HIS B 260 -20.36 9.48 -32.69
N GLN B 261 -20.36 10.73 -32.27
CA GLN B 261 -21.49 11.31 -31.54
C GLN B 261 -22.34 12.14 -32.51
N ASN B 262 -23.64 11.85 -32.53
CA ASN B 262 -24.60 12.64 -33.29
C ASN B 262 -25.11 13.85 -32.53
N PHE B 263 -24.97 13.85 -31.21
CA PHE B 263 -25.24 15.01 -30.38
C PHE B 263 -24.06 15.25 -29.46
N ASP B 264 -23.95 16.48 -28.98
CA ASP B 264 -22.80 16.82 -28.14
C ASP B 264 -22.79 15.96 -26.89
N ARG B 265 -21.60 15.59 -26.46
CA ARG B 265 -21.35 14.73 -25.31
C ARG B 265 -20.18 15.32 -24.55
N SER B 266 -20.23 15.22 -23.23
CA SER B 266 -19.09 15.65 -22.43
C SER B 266 -18.88 14.65 -21.31
N SER B 267 -17.65 14.64 -20.79
CA SER B 267 -17.21 13.70 -19.75
C SER B 267 -15.91 14.24 -19.19
N PHE B 268 -15.43 13.60 -18.12
CA PHE B 268 -14.12 13.94 -17.59
C PHE B 268 -13.51 12.73 -16.89
N GLY B 269 -12.19 12.80 -16.70
CA GLY B 269 -11.45 11.68 -16.15
C GLY B 269 -10.30 12.14 -15.29
N HIS B 270 -9.98 11.32 -14.30
CA HIS B 270 -8.80 11.49 -13.47
C HIS B 270 -7.81 10.39 -13.82
N PHE B 271 -6.60 10.78 -14.21
CA PHE B 271 -5.58 9.87 -14.70
C PHE B 271 -4.39 9.89 -13.75
N SER B 272 -3.93 8.70 -13.33
CA SER B 272 -2.79 8.55 -12.42
C SER B 272 -1.62 7.97 -13.20
N SER B 273 -0.49 8.67 -13.17
CA SER B 273 0.71 8.28 -13.89
C SER B 273 1.92 8.37 -12.97
N SER B 274 2.96 7.63 -13.33
CA SER B 274 4.26 7.79 -12.70
C SER B 274 4.72 9.25 -12.84
N ARG B 275 5.25 9.80 -11.76
CA ARG B 275 5.70 11.19 -11.70
C ARG B 275 6.52 11.52 -12.94
N CYS B 276 5.99 12.43 -13.78
CA CYS B 276 6.57 12.75 -15.10
C CYS B 276 6.87 14.25 -15.22
N LEU B 277 7.72 14.77 -14.33
CA LEU B 277 8.09 16.19 -14.45
C LEU B 277 9.32 16.37 -15.34
N PRO B 278 9.45 17.54 -15.99
CA PRO B 278 10.58 17.75 -16.94
C PRO B 278 11.97 17.45 -16.38
N GLY B 279 12.23 17.77 -15.11
CA GLY B 279 13.51 17.46 -14.51
C GLY B 279 13.45 16.44 -13.37
N ALA B 280 12.29 15.82 -13.18
CA ALA B 280 12.16 14.81 -12.12
C ALA B 280 11.26 13.65 -12.51
N ASP B 281 11.64 12.90 -13.56
CA ASP B 281 10.85 11.77 -14.01
C ASP B 281 11.19 10.53 -13.18
N ASP B 282 10.13 9.87 -12.69
CA ASP B 282 10.29 8.71 -11.82
C ASP B 282 10.48 7.39 -12.57
N GLY B 283 10.22 7.35 -13.87
CA GLY B 283 10.45 6.15 -14.65
C GLY B 283 9.35 5.11 -14.51
N ILE B 284 9.41 4.12 -15.41
CA ILE B 284 8.42 3.05 -15.50
C ILE B 284 9.12 1.72 -15.24
N TYR B 285 8.51 0.88 -14.40
CA TYR B 285 9.14 -0.34 -13.93
C TYR B 285 8.27 -1.56 -14.22
N ARG B 286 8.94 -2.68 -14.46
CA ARG B 286 8.30 -3.99 -14.52
C ARG B 286 8.70 -4.81 -13.30
N TYR B 287 7.71 -5.50 -12.71
CA TYR B 287 7.92 -6.28 -11.50
C TYR B 287 8.29 -7.72 -11.84
N LEU B 288 9.32 -8.22 -11.16
CA LEU B 288 9.80 -9.58 -11.37
C LEU B 288 9.60 -10.39 -10.10
N PRO B 289 8.74 -11.41 -10.14
CA PRO B 289 8.42 -12.18 -8.94
C PRO B 289 9.66 -12.79 -8.29
N SER B 290 9.71 -12.69 -6.95
CA SER B 290 10.81 -13.19 -6.11
C SER B 290 12.03 -12.29 -6.23
N ALA B 291 12.01 -11.35 -7.17
CA ALA B 291 13.13 -10.43 -7.38
C ALA B 291 12.62 -9.02 -7.19
N GLY B 292 13.27 -8.04 -7.80
CA GLY B 292 12.87 -6.67 -7.56
C GLY B 292 12.13 -6.05 -8.73
N LEU B 293 12.39 -4.76 -8.96
CA LEU B 293 11.81 -3.98 -10.04
C LEU B 293 12.87 -3.71 -11.08
N GLU B 294 12.52 -3.86 -12.35
CA GLU B 294 13.40 -3.56 -13.46
C GLU B 294 12.87 -2.35 -14.22
N ARG B 295 13.73 -1.36 -14.45
CA ARG B 295 13.31 -0.17 -15.15
C ARG B 295 13.10 -0.46 -16.63
N VAL B 296 12.02 0.08 -17.18
CA VAL B 296 11.66 -0.12 -18.58
C VAL B 296 11.87 1.15 -19.41
N CYS B 297 11.34 2.28 -18.95
CA CYS B 297 11.45 3.53 -19.67
C CYS B 297 11.09 4.68 -18.73
N GLY B 298 11.12 5.90 -19.26
CA GLY B 298 10.68 7.07 -18.52
C GLY B 298 9.19 7.31 -18.66
N SER B 299 8.62 8.02 -17.69
CA SER B 299 7.17 8.21 -17.66
C SER B 299 6.72 9.18 -18.75
N ARG B 300 7.34 10.36 -18.82
CA ARG B 300 6.98 11.30 -19.89
C ARG B 300 7.28 10.70 -21.25
N GLU B 301 8.36 9.94 -21.36
CA GLU B 301 8.68 9.25 -22.61
C GLU B 301 7.53 8.35 -23.04
N LEU B 302 6.95 7.60 -22.11
CA LEU B 302 5.83 6.73 -22.44
C LEU B 302 4.60 7.55 -22.86
N ILE B 303 4.36 8.68 -22.19
CA ILE B 303 3.18 9.49 -22.49
C ILE B 303 3.30 10.12 -23.87
N GLU B 304 4.47 10.72 -24.17
CA GLU B 304 4.66 11.37 -25.46
C GLU B 304 4.58 10.37 -26.60
N GLU B 305 5.14 9.18 -26.40
CA GLU B 305 5.05 8.14 -27.42
C GLU B 305 3.60 7.71 -27.64
N ASN B 306 2.84 7.60 -26.56
CA ASN B 306 1.42 7.24 -26.67
C ASN B 306 0.62 8.36 -27.33
N ASP B 307 0.84 9.61 -26.91
CA ASP B 307 0.12 10.74 -27.47
C ASP B 307 0.33 10.88 -28.96
N HIS B 308 1.53 10.57 -29.44
CA HIS B 308 1.83 10.64 -30.86
C HIS B 308 1.12 9.53 -31.63
N GLU B 309 0.98 8.36 -31.01
CA GLU B 309 0.28 7.26 -31.66
C GLU B 309 -1.21 7.55 -31.81
N ILE B 310 -1.84 8.04 -30.73
CA ILE B 310 -3.30 8.19 -30.70
C ILE B 310 -3.77 9.20 -31.75
N TYR B 311 -3.24 10.42 -31.73
CA TYR B 311 -3.76 11.51 -32.54
C TYR B 311 -2.96 11.78 -33.82
N MET B 312 -3.69 12.35 -34.79
CA MET B 312 -3.34 12.85 -36.15
C MET B 312 -4.27 12.19 -37.16
N ARG C 33 5.36 -30.36 -20.86
CA ARG C 33 6.18 -29.18 -20.63
C ARG C 33 5.95 -28.64 -19.23
N THR C 34 4.73 -28.83 -18.73
CA THR C 34 4.33 -28.38 -17.40
C THR C 34 3.79 -29.57 -16.64
N ALA C 35 4.31 -29.79 -15.44
CA ALA C 35 3.86 -30.90 -14.62
C ALA C 35 2.55 -30.55 -13.92
N ASP C 36 1.65 -31.53 -13.79
CA ASP C 36 0.43 -31.36 -13.01
C ASP C 36 0.62 -32.20 -11.75
N LEU C 37 0.74 -31.53 -10.61
CA LEU C 37 1.06 -32.13 -9.32
C LEU C 37 -0.21 -32.28 -8.49
N GLU C 38 -0.26 -33.29 -7.64
CA GLU C 38 -1.38 -33.35 -6.71
C GLU C 38 -1.26 -32.26 -5.68
N ARG C 39 -2.40 -31.74 -5.24
CA ARG C 39 -2.46 -30.71 -4.22
C ARG C 39 -3.02 -31.34 -2.96
N ALA C 40 -2.35 -31.10 -1.85
CA ALA C 40 -2.74 -31.65 -0.57
C ALA C 40 -2.95 -30.52 0.42
N ARG C 41 -3.52 -30.87 1.57
CA ARG C 41 -3.70 -29.90 2.63
C ARG C 41 -3.55 -30.62 3.96
N LEU C 42 -2.99 -29.94 4.93
CA LEU C 42 -2.91 -30.48 6.29
C LEU C 42 -4.29 -30.37 6.92
N GLY C 43 -4.85 -31.51 7.31
CA GLY C 43 -6.17 -31.52 7.91
C GLY C 43 -6.19 -32.04 9.33
N ASP C 44 -7.37 -32.39 9.82
CA ASP C 44 -7.50 -32.87 11.19
C ASP C 44 -6.80 -34.21 11.37
N ASP C 45 -6.78 -35.04 10.33
CA ASP C 45 -6.19 -36.37 10.40
C ASP C 45 -4.84 -36.45 9.70
N GLY C 46 -4.26 -35.32 9.31
CA GLY C 46 -2.99 -35.35 8.62
C GLY C 46 -3.12 -34.91 7.17
N LEU C 47 -2.32 -35.48 6.29
CA LEU C 47 -2.34 -35.09 4.88
C LEU C 47 -3.64 -35.52 4.21
N ASP C 48 -4.37 -34.54 3.67
CA ASP C 48 -5.60 -34.79 2.93
C ASP C 48 -5.36 -34.50 1.46
N PHE C 49 -5.27 -35.55 0.65
CA PHE C 49 -5.34 -35.41 -0.80
C PHE C 49 -6.81 -35.48 -1.24
N GLN C 50 -7.02 -35.39 -2.56
CA GLN C 50 -8.38 -35.42 -3.07
C GLN C 50 -9.00 -36.80 -2.88
N ASP C 51 -8.20 -37.85 -3.03
CA ASP C 51 -8.64 -39.23 -2.82
C ASP C 51 -7.39 -40.07 -2.58
N ASP C 52 -7.60 -41.37 -2.35
CA ASP C 52 -6.47 -42.23 -2.05
C ASP C 52 -5.60 -42.48 -3.28
N ALA C 53 -6.18 -42.48 -4.48
CA ALA C 53 -5.39 -42.65 -5.69
C ALA C 53 -4.51 -41.42 -5.95
N ALA C 54 -4.99 -40.23 -5.59
CA ALA C 54 -4.17 -39.03 -5.74
C ALA C 54 -2.98 -39.07 -4.79
N GLN C 55 -3.19 -39.51 -3.55
CA GLN C 55 -2.09 -39.64 -2.61
C GLN C 55 -1.09 -40.69 -3.05
N ALA C 56 -1.58 -41.80 -3.63
CA ALA C 56 -0.67 -42.84 -4.10
C ALA C 56 0.19 -42.34 -5.25
N ARG C 57 -0.38 -41.54 -6.14
CA ARG C 57 0.40 -40.95 -7.23
C ARG C 57 1.42 -39.96 -6.69
N ALA C 58 1.00 -39.07 -5.78
CA ALA C 58 1.91 -38.06 -5.24
C ALA C 58 3.11 -38.71 -4.55
N PHE C 59 2.85 -39.71 -3.71
CA PHE C 59 3.94 -40.36 -3.00
C PHE C 59 4.84 -41.15 -3.96
N ALA C 60 4.27 -41.72 -5.02
CA ALA C 60 5.09 -42.44 -5.99
C ALA C 60 5.93 -41.47 -6.81
N GLN C 61 5.37 -40.32 -7.15
CA GLN C 61 6.13 -39.31 -7.89
C GLN C 61 7.21 -38.67 -7.04
N GLY C 62 7.00 -38.60 -5.72
CA GLY C 62 7.96 -37.97 -4.84
C GLY C 62 7.87 -36.47 -4.77
N VAL C 63 6.79 -35.88 -5.25
CA VAL C 63 6.62 -34.42 -5.24
C VAL C 63 5.13 -34.11 -5.32
N PHE C 64 4.71 -33.08 -4.60
CA PHE C 64 3.32 -32.61 -4.66
C PHE C 64 3.26 -31.19 -4.12
N LEU C 65 2.08 -30.59 -4.24
CA LEU C 65 1.79 -29.25 -3.74
C LEU C 65 1.08 -29.34 -2.40
N LEU C 66 1.45 -28.47 -1.48
CA LEU C 66 0.85 -28.40 -0.14
C LEU C 66 0.35 -26.99 0.09
N GLU C 67 -0.96 -26.86 0.35
CA GLU C 67 -1.53 -25.54 0.59
C GLU C 67 -0.86 -24.88 1.79
N ILE C 68 -0.59 -23.59 1.66
CA ILE C 68 0.02 -22.82 2.74
C ILE C 68 -1.11 -22.42 3.68
N PRO C 69 -1.03 -22.75 4.98
CA PRO C 69 -2.06 -22.33 5.92
C PRO C 69 -2.23 -20.82 5.90
N GLU C 70 -3.49 -20.37 5.95
CA GLU C 70 -3.78 -18.95 5.81
C GLU C 70 -3.10 -18.12 6.89
N TRP C 71 -2.88 -18.70 8.08
CA TRP C 71 -2.31 -17.97 9.19
C TRP C 71 -0.79 -17.86 9.14
N LEU C 72 -0.13 -18.59 8.25
CA LEU C 72 1.33 -18.65 8.24
C LEU C 72 1.87 -17.52 7.37
N ASP C 73 2.56 -16.57 7.99
CA ASP C 73 3.10 -15.41 7.30
C ASP C 73 4.44 -15.77 6.66
N LEU C 74 4.55 -15.59 5.35
CA LEU C 74 5.77 -15.88 4.62
C LEU C 74 6.52 -14.62 4.18
N SER C 75 6.02 -13.43 4.53
CA SER C 75 6.57 -12.20 3.96
C SER C 75 7.96 -11.90 4.47
N ALA C 76 8.27 -12.27 5.71
CA ALA C 76 9.63 -12.07 6.21
C ALA C 76 10.60 -13.04 5.55
N GLY C 77 10.18 -14.28 5.33
CA GLY C 77 11.02 -15.22 4.61
C GLY C 77 11.25 -14.81 3.17
N ASP C 78 10.19 -14.34 2.50
CA ASP C 78 10.32 -13.81 1.14
C ASP C 78 11.29 -12.65 1.09
N ARG C 79 11.17 -11.72 2.04
CA ARG C 79 12.08 -10.58 2.08
C ARG C 79 13.52 -11.02 2.37
N PHE C 80 13.69 -12.00 3.26
CA PHE C 80 15.04 -12.49 3.56
C PHE C 80 15.69 -13.09 2.32
N ALA C 81 14.92 -13.88 1.56
CA ALA C 81 15.46 -14.49 0.35
C ALA C 81 15.89 -13.45 -0.68
N ARG C 82 15.21 -12.29 -0.69
CA ARG C 82 15.57 -11.19 -1.60
C ARG C 82 16.73 -10.35 -1.10
N GLN C 83 17.13 -10.48 0.16
CA GLN C 83 18.07 -9.52 0.75
C GLN C 83 19.38 -10.12 1.24
N PHE C 84 19.42 -11.41 1.59
CA PHE C 84 20.52 -11.94 2.38
C PHE C 84 21.87 -11.76 1.70
N PHE C 85 21.89 -11.71 0.37
CA PHE C 85 23.14 -11.67 -0.38
C PHE C 85 23.67 -10.26 -0.58
N GLN C 86 22.97 -9.23 -0.10
CA GLN C 86 23.27 -7.85 -0.51
C GLN C 86 24.24 -7.14 0.41
N GLY C 87 24.59 -7.70 1.58
CA GLY C 87 25.59 -7.11 2.43
C GLY C 87 25.03 -6.16 3.47
N THR C 88 25.91 -5.74 4.39
CA THR C 88 25.50 -5.00 5.57
C THR C 88 24.84 -3.66 5.26
N GLY C 89 25.00 -3.13 4.05
CA GLY C 89 24.35 -1.87 3.73
C GLY C 89 22.84 -1.95 3.63
N VAL C 90 22.29 -3.16 3.48
CA VAL C 90 20.89 -3.37 3.16
C VAL C 90 20.19 -3.92 4.39
N GLU C 91 19.17 -3.21 4.87
CA GLU C 91 18.44 -3.54 6.09
C GLU C 91 17.10 -4.20 5.75
N PRO C 92 16.64 -5.17 6.56
CA PRO C 92 17.30 -5.65 7.79
C PRO C 92 18.15 -6.93 7.64
N TYR C 93 18.22 -7.51 6.45
CA TYR C 93 18.76 -8.86 6.30
C TYR C 93 20.04 -8.96 5.47
N GLY C 94 20.49 -7.87 4.86
CA GLY C 94 21.63 -7.96 3.96
C GLY C 94 22.91 -8.41 4.65
N LYS C 95 23.02 -8.12 5.95
CA LYS C 95 24.25 -8.41 6.68
C LYS C 95 24.56 -9.90 6.75
N TYR C 96 23.59 -10.77 6.51
CA TYR C 96 23.85 -12.20 6.58
C TYR C 96 24.79 -12.69 5.48
N ARG C 97 25.04 -11.86 4.46
CA ARG C 97 26.05 -12.17 3.46
C ARG C 97 27.44 -12.36 4.09
N ASP C 98 27.69 -11.70 5.23
CA ASP C 98 29.01 -11.72 5.85
C ASP C 98 29.24 -12.90 6.79
N LEU C 99 28.25 -13.76 7.00
CA LEU C 99 28.41 -14.91 7.90
C LEU C 99 28.73 -16.14 7.05
N SER C 100 30.01 -16.53 7.05
CA SER C 100 30.45 -17.70 6.30
C SER C 100 30.49 -18.91 7.24
N SER C 101 30.91 -20.06 6.71
CA SER C 101 30.84 -21.30 7.46
C SER C 101 31.74 -21.29 8.68
N GLU C 102 32.84 -20.53 8.63
CA GLU C 102 33.77 -20.50 9.76
C GLU C 102 33.11 -19.99 11.03
N HIS C 103 32.09 -19.14 10.90
CA HIS C 103 31.39 -18.63 12.08
C HIS C 103 30.61 -19.70 12.82
N PHE C 104 30.40 -20.88 12.23
CA PHE C 104 29.51 -21.87 12.80
C PHE C 104 30.17 -23.20 13.14
N GLY C 105 31.44 -23.40 12.80
CA GLY C 105 32.07 -24.68 13.02
C GLY C 105 31.46 -25.81 12.22
N ASP C 106 30.74 -25.49 11.15
CA ASP C 106 30.07 -26.47 10.30
C ASP C 106 30.19 -25.97 8.87
N GLU C 107 30.91 -26.72 8.04
CA GLU C 107 31.19 -26.28 6.68
C GLU C 107 29.94 -26.11 5.84
N LEU C 108 28.82 -26.72 6.23
CA LEU C 108 27.59 -26.64 5.45
C LEU C 108 26.82 -25.35 5.65
N LEU C 109 27.17 -24.54 6.66
CA LEU C 109 26.31 -23.44 7.07
C LEU C 109 26.86 -22.09 6.61
N GLY C 110 26.01 -21.07 6.71
CA GLY C 110 26.38 -19.71 6.37
C GLY C 110 26.14 -19.37 4.92
N TYR C 111 26.73 -18.25 4.50
CA TYR C 111 26.62 -17.85 3.10
C TYR C 111 27.52 -18.73 2.24
N HIS C 112 26.99 -19.14 1.08
CA HIS C 112 27.72 -19.97 0.14
C HIS C 112 27.38 -19.52 -1.27
N SER C 113 28.41 -19.10 -2.01
CA SER C 113 28.30 -18.90 -3.45
C SER C 113 28.57 -20.25 -4.14
N ARG C 114 27.60 -20.72 -4.93
CA ARG C 114 27.74 -21.99 -5.62
C ARG C 114 28.29 -21.77 -7.03
N VAL C 115 28.65 -22.89 -7.68
CA VAL C 115 29.17 -22.83 -9.04
C VAL C 115 28.07 -22.58 -10.06
N ASP C 116 26.82 -22.86 -9.72
CA ASP C 116 25.70 -22.51 -10.57
C ASP C 116 25.31 -21.06 -10.30
N GLN C 117 24.19 -20.59 -10.87
CA GLN C 117 23.73 -19.23 -10.62
C GLN C 117 23.42 -19.02 -9.14
N LEU C 118 23.11 -20.09 -8.42
CA LEU C 118 22.61 -20.01 -7.06
C LEU C 118 23.68 -19.51 -6.09
N GLU C 119 23.25 -18.63 -5.19
CA GLU C 119 23.94 -18.37 -3.94
C GLU C 119 22.96 -18.61 -2.80
N GLN C 120 23.46 -19.04 -1.65
CA GLN C 120 22.61 -19.55 -0.60
C GLN C 120 23.04 -19.03 0.77
N PHE C 121 22.08 -19.04 1.70
CA PHE C 121 22.37 -18.97 3.12
C PHE C 121 21.67 -20.15 3.79
N LEU C 122 22.45 -21.02 4.43
CA LEU C 122 21.95 -22.23 5.08
C LEU C 122 22.23 -22.16 6.57
N LEU C 123 21.24 -22.55 7.37
CA LEU C 123 21.41 -22.55 8.82
C LEU C 123 20.57 -23.66 9.44
N GLU C 124 21.20 -24.46 10.30
CA GLU C 124 20.52 -25.54 11.00
C GLU C 124 19.82 -25.02 12.26
N ARG C 125 18.77 -25.74 12.67
CA ARG C 125 17.87 -25.29 13.73
C ARG C 125 18.60 -24.91 15.02
N ARG C 126 19.70 -25.59 15.34
CA ARG C 126 20.37 -25.29 16.60
C ARG C 126 20.90 -23.86 16.66
N PHE C 127 21.03 -23.20 15.51
CA PHE C 127 21.54 -21.83 15.44
C PHE C 127 20.47 -20.78 15.16
N TRP C 128 19.22 -21.18 14.92
CA TRP C 128 18.19 -20.21 14.53
C TRP C 128 18.00 -19.14 15.59
N GLY C 129 17.76 -19.55 16.84
CA GLY C 129 17.48 -18.59 17.89
C GLY C 129 18.60 -17.58 18.09
N GLU C 130 19.84 -18.04 18.02
CA GLU C 130 20.98 -17.16 18.28
C GLU C 130 21.34 -16.31 17.06
N VAL C 131 21.25 -16.88 15.85
CA VAL C 131 21.79 -16.24 14.66
C VAL C 131 20.70 -15.62 13.81
N TYR C 132 19.59 -16.32 13.57
CA TYR C 132 18.58 -15.79 12.66
C TYR C 132 17.85 -14.60 13.30
N PRO C 133 17.32 -13.68 12.48
CA PRO C 133 16.40 -12.69 13.03
C PRO C 133 15.22 -13.40 13.66
N SER C 134 14.69 -12.80 14.73
CA SER C 134 13.69 -13.48 15.56
C SER C 134 12.51 -13.97 14.71
N GLU C 135 12.03 -13.14 13.78
CA GLU C 135 10.89 -13.53 12.96
C GLU C 135 11.27 -14.61 11.94
N ILE C 136 12.54 -14.73 11.58
CA ILE C 136 12.96 -15.80 10.68
C ILE C 136 13.05 -17.12 11.42
N ALA C 137 13.61 -17.10 12.64
CA ALA C 137 13.60 -18.30 13.48
C ALA C 137 12.18 -18.79 13.72
N THR C 138 11.24 -17.86 13.91
CA THR C 138 9.84 -18.21 14.08
C THR C 138 9.30 -18.94 12.85
N LEU C 139 9.61 -18.43 11.66
CA LEU C 139 9.21 -19.12 10.44
C LEU C 139 9.76 -20.54 10.41
N GLY C 140 11.03 -20.69 10.73
CA GLY C 140 11.65 -22.01 10.77
C GLY C 140 10.92 -22.98 11.68
N GLU C 141 10.53 -22.50 12.87
CA GLU C 141 9.83 -23.37 13.82
C GLU C 141 8.47 -23.81 13.27
N HIS C 142 7.72 -22.88 12.68
CA HIS C 142 6.41 -23.23 12.11
C HIS C 142 6.56 -24.21 10.94
N LEU C 143 7.57 -24.01 10.10
CA LEU C 143 7.79 -24.94 9.00
C LEU C 143 8.24 -26.30 9.53
N THR C 144 8.98 -26.33 10.64
CA THR C 144 9.40 -27.59 11.26
C THR C 144 8.19 -28.40 11.70
N LEU C 145 7.20 -27.74 12.31
CA LEU C 145 6.02 -28.47 12.72
C LEU C 145 5.24 -28.96 11.54
N LEU C 146 5.10 -28.11 10.53
CA LEU C 146 4.38 -28.49 9.34
C LEU C 146 5.02 -29.71 8.70
N SER C 147 6.34 -29.72 8.59
CA SER C 147 7.05 -30.86 8.02
C SER C 147 6.90 -32.09 8.90
N HIS C 148 6.89 -31.90 10.22
CA HIS C 148 6.65 -32.99 11.16
C HIS C 148 5.32 -33.67 10.88
N ARG C 149 4.26 -32.89 10.64
CA ARG C 149 2.96 -33.48 10.35
C ARG C 149 2.95 -34.16 8.98
N VAL C 150 3.60 -33.56 7.99
CA VAL C 150 3.68 -34.19 6.67
C VAL C 150 4.41 -35.51 6.76
N LEU C 151 5.53 -35.54 7.47
CA LEU C 151 6.35 -36.74 7.52
C LEU C 151 5.62 -37.89 8.21
N ARG C 152 4.93 -37.60 9.32
CA ARG C 152 4.24 -38.65 10.05
C ARG C 152 3.12 -39.26 9.21
N SER C 153 2.44 -38.44 8.41
CA SER C 153 1.42 -38.98 7.51
C SER C 153 2.05 -39.91 6.48
N VAL C 154 3.24 -39.57 6.01
CA VAL C 154 3.92 -40.41 5.02
C VAL C 154 4.37 -41.73 5.64
N LEU C 155 4.97 -41.67 6.83
CA LEU C 155 5.44 -42.88 7.48
C LEU C 155 4.29 -43.85 7.72
N ALA C 156 3.11 -43.32 8.07
CA ALA C 156 1.95 -44.17 8.30
C ALA C 156 1.53 -44.88 7.02
N SER C 157 1.50 -44.15 5.90
CA SER C 157 1.09 -44.76 4.64
C SER C 157 2.06 -45.83 4.17
N ALA C 158 3.31 -45.77 4.63
CA ALA C 158 4.31 -46.76 4.24
C ALA C 158 4.23 -48.05 5.03
N GLY C 159 3.43 -48.10 6.09
CA GLY C 159 3.29 -49.31 6.87
C GLY C 159 4.38 -49.56 7.88
N ILE C 160 5.23 -48.59 8.17
CA ILE C 160 6.26 -48.77 9.20
C ILE C 160 5.59 -48.77 10.57
N PRO C 161 5.88 -49.76 11.43
CA PRO C 161 5.30 -49.73 12.78
C PRO C 161 5.70 -48.46 13.53
N GLU C 162 4.73 -47.93 14.28
CA GLU C 162 4.89 -46.60 14.87
C GLU C 162 6.08 -46.52 15.81
N GLU C 163 6.38 -47.60 16.54
CA GLU C 163 7.52 -47.53 17.46
C GLU C 163 8.86 -47.53 16.75
N ASP C 164 8.91 -47.70 15.43
CA ASP C 164 10.15 -47.54 14.68
C ASP C 164 10.29 -46.16 14.05
N TRP C 165 9.28 -45.29 14.19
CA TRP C 165 9.30 -44.02 13.46
C TRP C 165 10.48 -43.15 13.86
N HIS C 166 10.77 -43.07 15.17
CA HIS C 166 11.79 -42.14 15.64
C HIS C 166 13.16 -42.53 15.12
N ARG C 167 13.52 -43.81 15.20
CA ARG C 167 14.80 -44.25 14.67
C ARG C 167 14.82 -44.19 13.15
N ALA C 168 13.71 -44.55 12.51
CA ALA C 168 13.67 -44.56 11.05
C ALA C 168 13.82 -43.14 10.48
N SER C 169 13.35 -42.13 11.20
CA SER C 169 13.37 -40.76 10.71
C SER C 169 14.49 -39.94 11.33
N GLY C 170 15.36 -40.56 12.12
CA GLY C 170 16.41 -39.81 12.79
C GLY C 170 15.90 -38.68 13.66
N GLY C 171 14.71 -38.85 14.24
CA GLY C 171 14.12 -37.85 15.10
C GLY C 171 13.07 -36.98 14.44
N CYS C 172 12.96 -37.04 13.11
CA CYS C 172 12.05 -36.13 12.42
C CYS C 172 10.58 -36.49 12.58
N SER C 173 10.27 -37.73 13.01
CA SER C 173 8.89 -38.05 13.32
C SER C 173 8.41 -37.36 14.59
N GLU C 174 9.35 -36.82 15.38
CA GLU C 174 9.01 -35.95 16.51
C GLU C 174 9.59 -34.58 16.21
N THR C 175 10.42 -34.03 17.08
CA THR C 175 11.09 -32.77 16.78
C THR C 175 12.59 -32.89 17.01
N ASN C 176 13.12 -34.10 16.83
CA ASN C 176 14.52 -34.42 17.06
C ASN C 176 15.31 -34.58 15.77
N GLY C 177 14.78 -34.12 14.64
CA GLY C 177 15.55 -34.19 13.42
C GLY C 177 16.63 -33.12 13.40
N SER C 178 17.36 -33.09 12.28
CA SER C 178 18.18 -31.93 11.92
C SER C 178 17.40 -31.17 10.87
N TYR C 179 17.29 -29.86 11.05
CA TYR C 179 16.45 -29.03 10.21
C TYR C 179 17.24 -27.83 9.71
N HIS C 180 17.23 -27.63 8.40
CA HIS C 180 17.89 -26.48 7.79
C HIS C 180 16.84 -25.58 7.16
N LEU C 181 16.88 -24.30 7.50
CA LEU C 181 16.14 -23.27 6.78
C LEU C 181 17.12 -22.59 5.84
N THR C 182 16.88 -22.71 4.54
CA THR C 182 17.85 -22.36 3.52
C THR C 182 17.22 -21.37 2.54
N PHE C 183 17.95 -20.29 2.28
CA PHE C 183 17.48 -19.23 1.39
C PHE C 183 18.31 -19.23 0.10
N ASN C 184 17.63 -19.03 -1.02
CA ASN C 184 18.22 -19.17 -2.35
C ASN C 184 18.05 -17.88 -3.15
N HIS C 185 19.12 -17.43 -3.80
CA HIS C 185 19.08 -16.35 -4.77
C HIS C 185 19.85 -16.76 -6.01
N TYR C 186 19.23 -16.57 -7.19
CA TYR C 186 19.79 -16.97 -8.47
C TYR C 186 20.29 -15.73 -9.19
N ARG C 187 21.61 -15.65 -9.36
CA ARG C 187 22.25 -14.50 -10.01
C ARG C 187 22.15 -14.70 -11.52
N SER C 188 21.17 -14.02 -12.13
CA SER C 188 20.92 -14.19 -13.56
C SER C 188 22.08 -13.74 -14.43
N ALA C 189 22.99 -12.92 -13.90
CA ALA C 189 24.14 -12.48 -14.69
C ALA C 189 25.13 -13.61 -14.92
N HIS C 190 25.09 -14.68 -14.11
CA HIS C 190 26.00 -15.79 -14.31
C HIS C 190 25.45 -16.70 -15.40
N GLN C 191 26.31 -17.09 -16.33
CA GLN C 191 25.92 -17.91 -17.48
C GLN C 191 25.98 -19.40 -17.15
N ASP C 192 25.25 -19.78 -16.11
CA ASP C 192 25.18 -21.17 -15.69
C ASP C 192 23.72 -21.61 -15.62
N ILE C 193 23.53 -22.88 -15.32
CA ILE C 193 22.20 -23.33 -14.96
C ILE C 193 21.89 -22.74 -13.60
N GLY C 194 20.60 -22.56 -13.30
CA GLY C 194 20.25 -21.98 -12.01
C GLY C 194 20.74 -22.82 -10.85
N LEU C 195 20.37 -24.10 -10.86
CA LEU C 195 20.83 -25.07 -9.87
C LEU C 195 20.85 -26.42 -10.56
N SER C 196 21.98 -27.11 -10.45
CA SER C 196 22.17 -28.36 -11.18
C SER C 196 21.16 -29.42 -10.76
N SER C 197 20.94 -30.37 -11.66
CA SER C 197 20.09 -31.53 -11.39
C SER C 197 20.59 -32.27 -10.15
N HIS C 198 19.65 -32.64 -9.27
CA HIS C 198 20.06 -33.27 -8.02
C HIS C 198 18.83 -33.84 -7.32
N LYS C 199 19.11 -34.57 -6.25
CA LYS C 199 18.09 -34.99 -5.29
C LYS C 199 18.47 -34.44 -3.92
N ASP C 200 17.46 -34.08 -3.12
CA ASP C 200 17.73 -33.60 -1.77
C ASP C 200 18.18 -34.76 -0.87
N ASP C 201 18.85 -34.39 0.22
CA ASP C 201 19.50 -35.36 1.09
C ASP C 201 18.51 -36.09 2.01
N GLY C 202 17.51 -35.38 2.52
CA GLY C 202 16.82 -35.79 3.73
C GLY C 202 15.55 -36.56 3.48
N PHE C 203 14.55 -36.35 4.33
CA PHE C 203 13.26 -36.99 4.22
C PHE C 203 12.23 -36.12 3.52
N ILE C 204 12.03 -34.89 4.01
CA ILE C 204 11.03 -33.98 3.49
C ILE C 204 11.68 -32.64 3.22
N THR C 205 11.37 -32.04 2.08
CA THR C 205 11.69 -30.66 1.77
C THR C 205 10.41 -29.89 1.55
N VAL C 206 10.26 -28.78 2.25
CA VAL C 206 9.12 -27.87 2.06
C VAL C 206 9.67 -26.62 1.37
N LEU C 207 9.29 -26.43 0.11
CA LEU C 207 9.88 -25.42 -0.75
C LEU C 207 8.89 -24.29 -1.00
N ARG C 208 9.32 -23.07 -0.72
CA ARG C 208 8.58 -21.86 -1.04
C ARG C 208 9.12 -21.21 -2.30
N THR C 209 8.31 -21.20 -3.37
CA THR C 209 8.68 -20.60 -4.64
C THR C 209 7.52 -19.77 -5.18
N THR C 210 7.84 -18.60 -5.74
CA THR C 210 6.85 -17.71 -6.32
C THR C 210 7.18 -17.33 -7.76
N ALA C 211 8.24 -17.88 -8.34
CA ALA C 211 8.61 -17.58 -9.72
C ALA C 211 8.95 -18.88 -10.45
N GLN C 212 8.79 -18.85 -11.76
CA GLN C 212 9.14 -20.00 -12.59
C GLN C 212 10.62 -20.33 -12.44
N GLY C 213 10.96 -21.57 -12.78
CA GLY C 213 12.36 -21.97 -12.77
C GLY C 213 12.53 -23.41 -12.32
N LEU C 214 11.75 -23.82 -11.33
CA LEU C 214 11.82 -25.18 -10.84
C LEU C 214 11.35 -26.16 -11.91
N GLU C 215 12.10 -27.23 -12.10
CA GLU C 215 11.73 -28.27 -13.03
C GLU C 215 11.98 -29.60 -12.34
N VAL C 216 11.10 -30.56 -12.60
CA VAL C 216 11.20 -31.89 -12.01
C VAL C 216 11.26 -32.93 -13.12
N ASN C 217 11.92 -34.04 -12.84
CA ASN C 217 12.03 -35.17 -13.76
C ASN C 217 11.15 -36.26 -13.14
N ARG C 218 9.84 -36.20 -13.43
CA ARG C 218 8.90 -37.15 -12.86
C ARG C 218 9.10 -38.55 -13.42
N ASP C 219 9.05 -38.70 -14.73
CA ASP C 219 9.27 -40.02 -15.30
C ASP C 219 10.03 -39.82 -16.61
N ASP C 220 11.35 -39.64 -16.47
CA ASP C 220 12.32 -39.57 -17.56
C ASP C 220 12.10 -38.40 -18.50
N VAL C 221 11.24 -37.44 -18.15
CA VAL C 221 11.07 -36.21 -18.91
C VAL C 221 11.11 -35.02 -17.95
N TRP C 222 11.82 -33.96 -18.32
CA TRP C 222 11.84 -32.75 -17.52
C TRP C 222 10.58 -31.94 -17.75
N GLU C 223 9.96 -31.48 -16.66
CA GLU C 223 8.73 -30.72 -16.71
C GLU C 223 8.81 -29.53 -15.76
N LYS C 224 8.32 -28.38 -16.21
CA LYS C 224 8.20 -27.22 -15.34
C LYS C 224 7.18 -27.50 -14.23
N VAL C 225 7.52 -27.08 -13.01
CA VAL C 225 6.56 -27.10 -11.92
C VAL C 225 5.73 -25.82 -11.97
N PRO C 226 4.41 -25.91 -12.02
CA PRO C 226 3.59 -24.70 -12.11
C PRO C 226 3.78 -23.82 -10.88
N VAL C 227 3.74 -22.51 -11.10
CA VAL C 227 3.87 -21.57 -10.00
C VAL C 227 2.53 -21.40 -9.31
N ASP C 228 2.53 -21.56 -7.99
CA ASP C 228 1.32 -21.37 -7.19
C ASP C 228 1.78 -20.73 -5.88
N PRO C 229 1.64 -19.41 -5.74
CA PRO C 229 2.14 -18.75 -4.52
C PRO C 229 1.32 -19.07 -3.29
N ALA C 230 0.22 -19.80 -3.44
CA ALA C 230 -0.60 -20.27 -2.33
C ALA C 230 -0.24 -21.68 -1.87
N CYS C 231 0.79 -22.29 -2.46
CA CYS C 231 1.16 -23.66 -2.10
C CYS C 231 2.67 -23.76 -1.96
N PHE C 232 3.11 -24.59 -1.02
CA PHE C 232 4.49 -25.06 -1.03
C PHE C 232 4.64 -26.18 -2.04
N VAL C 233 5.87 -26.40 -2.49
CA VAL C 233 6.24 -27.61 -3.20
C VAL C 233 6.89 -28.53 -2.19
N VAL C 234 6.37 -29.74 -2.05
CA VAL C 234 6.90 -30.73 -1.14
C VAL C 234 7.55 -31.82 -1.97
N ASN C 235 8.75 -32.23 -1.58
CA ASN C 235 9.33 -33.40 -2.20
C ASN C 235 10.10 -34.20 -1.16
N PHE C 236 10.43 -35.42 -1.54
CA PHE C 236 11.17 -36.34 -0.69
C PHE C 236 12.63 -36.30 -1.10
N GLY C 237 13.51 -36.58 -0.13
CA GLY C 237 14.92 -36.66 -0.37
C GLY C 237 15.42 -38.10 -0.35
N LEU C 238 16.74 -38.23 -0.39
CA LEU C 238 17.36 -39.54 -0.53
C LEU C 238 17.07 -40.43 0.68
N SER C 239 17.05 -39.86 1.89
CA SER C 239 16.81 -40.66 3.07
C SER C 239 15.44 -41.32 3.04
N MET C 240 14.43 -40.62 2.50
CA MET C 240 13.12 -41.21 2.30
C MET C 240 13.18 -42.34 1.28
N GLU C 241 13.89 -42.10 0.16
CA GLU C 241 14.05 -43.13 -0.84
C GLU C 241 14.68 -44.39 -0.23
N ILE C 242 15.79 -44.24 0.51
CA ILE C 242 16.45 -45.38 1.13
C ILE C 242 15.53 -46.07 2.13
N LEU C 243 14.86 -45.30 2.99
CA LEU C 243 14.05 -45.88 4.05
C LEU C 243 12.98 -46.82 3.50
N THR C 244 12.30 -46.40 2.44
CA THR C 244 11.18 -47.15 1.88
C THR C 244 11.60 -47.97 0.65
N SER C 245 12.91 -48.18 0.44
CA SER C 245 13.36 -48.86 -0.77
C SER C 245 12.90 -50.30 -0.83
N ALA C 246 12.78 -50.96 0.32
CA ALA C 246 12.36 -52.36 0.36
C ALA C 246 10.86 -52.52 0.56
N CYS C 247 10.11 -51.42 0.61
CA CYS C 247 8.68 -51.48 0.87
C CYS C 247 7.93 -51.99 -0.36
N VAL C 248 6.64 -52.25 -0.17
CA VAL C 248 5.79 -52.65 -1.29
C VAL C 248 5.62 -51.49 -2.26
N THR C 249 5.49 -50.26 -1.75
CA THR C 249 5.42 -49.06 -2.56
C THR C 249 6.58 -48.16 -2.19
N PRO C 250 7.74 -48.34 -2.80
CA PRO C 250 8.89 -47.48 -2.48
C PRO C 250 8.66 -46.05 -2.92
N LEU C 251 9.10 -45.11 -2.07
CA LEU C 251 9.05 -43.69 -2.38
C LEU C 251 10.42 -43.24 -2.86
N SER C 252 10.43 -42.42 -3.90
CA SER C 252 11.68 -41.99 -4.51
C SER C 252 11.98 -40.52 -4.20
N ALA C 253 13.26 -40.18 -4.31
CA ALA C 253 13.72 -38.80 -4.22
C ALA C 253 13.61 -38.18 -5.61
N ILE C 254 12.77 -37.15 -5.74
CA ILE C 254 12.50 -36.58 -7.05
C ILE C 254 13.74 -35.86 -7.56
N MET C 255 14.07 -36.10 -8.84
CA MET C 255 15.13 -35.37 -9.51
C MET C 255 14.60 -34.01 -9.92
N HIS C 256 15.33 -32.95 -9.59
CA HIS C 256 14.86 -31.62 -9.93
C HIS C 256 16.03 -30.67 -10.09
N ARG C 257 15.74 -29.53 -10.71
CA ARG C 257 16.76 -28.55 -11.05
C ARG C 257 16.07 -27.20 -11.16
N VAL C 258 16.88 -26.16 -11.33
CA VAL C 258 16.38 -24.83 -11.63
C VAL C 258 17.02 -24.39 -12.93
N SER C 259 16.19 -24.06 -13.91
CA SER C 259 16.69 -23.69 -15.21
C SER C 259 17.46 -22.37 -15.13
N HIS C 260 18.30 -22.14 -16.14
CA HIS C 260 19.00 -20.87 -16.24
C HIS C 260 18.02 -19.71 -16.15
N GLN C 261 18.31 -18.78 -15.28
CA GLN C 261 17.44 -17.63 -15.07
C GLN C 261 18.00 -16.44 -15.84
N ASN C 262 17.15 -15.84 -16.67
CA ASN C 262 17.52 -14.61 -17.37
C ASN C 262 17.22 -13.39 -16.53
N PHE C 263 16.36 -13.52 -15.53
CA PHE C 263 16.14 -12.49 -14.53
C PHE C 263 16.32 -13.13 -13.16
N ASP C 264 16.61 -12.29 -12.17
CA ASP C 264 16.86 -12.80 -10.82
C ASP C 264 15.66 -13.56 -10.27
N ARG C 265 15.95 -14.54 -9.43
CA ARG C 265 14.96 -15.37 -8.79
C ARG C 265 15.40 -15.63 -7.36
N SER C 266 14.44 -15.75 -6.45
CA SER C 266 14.72 -16.12 -5.07
C SER C 266 13.67 -17.12 -4.59
N SER C 267 14.05 -17.88 -3.57
CA SER C 267 13.19 -18.91 -3.00
C SER C 267 13.80 -19.33 -1.66
N PHE C 268 13.06 -20.14 -0.91
CA PHE C 268 13.63 -20.73 0.29
C PHE C 268 12.97 -22.07 0.61
N GLY C 269 13.64 -22.85 1.42
CA GLY C 269 13.19 -24.19 1.72
C GLY C 269 13.49 -24.60 3.15
N HIS C 270 12.64 -25.46 3.69
CA HIS C 270 12.85 -26.10 4.97
C HIS C 270 13.19 -27.56 4.71
N PHE C 271 14.34 -28.01 5.19
CA PHE C 271 14.84 -29.35 4.92
C PHE C 271 14.90 -30.12 6.22
N SER C 272 14.33 -31.33 6.22
CA SER C 272 14.33 -32.22 7.36
C SER C 272 15.24 -33.41 7.05
N SER C 273 16.21 -33.66 7.93
CA SER C 273 17.14 -34.76 7.73
C SER C 273 17.31 -35.50 9.03
N SER C 274 17.74 -36.75 8.93
CA SER C 274 18.16 -37.51 10.09
C SER C 274 19.15 -36.68 10.90
N ARG C 275 18.99 -36.70 12.23
CA ARG C 275 19.85 -35.90 13.09
C ARG C 275 21.29 -36.05 12.61
N CYS C 276 21.85 -34.98 12.07
CA CYS C 276 23.18 -35.06 11.46
C CYS C 276 24.09 -34.10 12.19
N LEU C 277 24.20 -34.25 13.49
CA LEU C 277 25.03 -33.30 14.20
C LEU C 277 26.49 -33.68 14.05
N PRO C 278 27.37 -32.68 14.07
CA PRO C 278 28.81 -32.96 13.92
C PRO C 278 29.26 -34.08 14.82
N GLY C 279 28.72 -34.17 16.02
CA GLY C 279 29.08 -35.33 16.80
C GLY C 279 27.96 -36.27 17.16
N ALA C 280 26.79 -36.09 16.55
CA ALA C 280 25.57 -36.80 16.93
C ALA C 280 24.79 -37.15 15.65
N ASP C 281 25.35 -38.09 14.89
CA ASP C 281 24.71 -38.59 13.68
C ASP C 281 23.71 -39.69 14.05
N ASP C 282 22.46 -39.56 13.59
CA ASP C 282 21.46 -40.58 13.87
C ASP C 282 21.47 -41.70 12.85
N GLY C 283 22.16 -41.53 11.73
CA GLY C 283 22.28 -42.57 10.73
C GLY C 283 21.09 -42.65 9.79
N ILE C 284 21.28 -43.41 8.72
CA ILE C 284 20.27 -43.61 7.69
C ILE C 284 19.92 -45.09 7.67
N TYR C 285 18.62 -45.38 7.69
CA TYR C 285 18.12 -46.75 7.86
C TYR C 285 17.23 -47.15 6.71
N ARG C 286 17.22 -48.46 6.44
CA ARG C 286 16.27 -49.08 5.53
C ARG C 286 15.30 -49.91 6.36
N TYR C 287 14.01 -49.81 6.06
CA TYR C 287 13.01 -50.56 6.78
C TYR C 287 12.82 -51.90 6.10
N LEU C 288 12.77 -52.96 6.88
CA LEU C 288 12.63 -54.28 6.33
C LEU C 288 11.26 -54.78 6.76
N PRO C 289 10.30 -54.90 5.84
CA PRO C 289 8.93 -55.26 6.23
C PRO C 289 8.88 -56.56 7.01
N SER C 290 8.13 -56.53 8.12
CA SER C 290 7.93 -57.65 9.04
C SER C 290 9.16 -57.88 9.94
N ALA C 291 10.25 -57.14 9.73
CA ALA C 291 11.48 -57.36 10.49
C ALA C 291 11.83 -56.12 11.30
N GLY C 292 12.45 -55.13 10.67
CA GLY C 292 12.84 -53.93 11.38
C GLY C 292 13.67 -52.96 10.56
N LEU C 293 14.61 -52.27 11.21
CA LEU C 293 15.46 -51.29 10.56
C LEU C 293 16.90 -51.79 10.48
N GLU C 294 17.52 -51.65 9.30
CA GLU C 294 18.95 -51.93 9.13
C GLU C 294 19.64 -50.65 8.70
N ARG C 295 20.77 -50.33 9.34
CA ARG C 295 21.50 -49.11 9.04
C ARG C 295 22.15 -49.19 7.66
N VAL C 296 22.09 -48.08 6.93
CA VAL C 296 22.66 -47.98 5.58
C VAL C 296 23.92 -47.12 5.57
N CYS C 297 23.84 -45.91 6.13
CA CYS C 297 24.96 -44.99 6.12
C CYS C 297 24.72 -43.90 7.16
N GLY C 298 25.65 -42.95 7.25
CA GLY C 298 25.48 -41.80 8.10
C GLY C 298 24.75 -40.66 7.42
N SER C 299 24.12 -39.81 8.23
CA SER C 299 23.32 -38.71 7.67
C SER C 299 24.20 -37.62 7.09
N ARG C 300 25.19 -37.15 7.87
CA ARG C 300 26.13 -36.16 7.36
C ARG C 300 26.92 -36.74 6.19
N GLU C 301 27.28 -38.01 6.29
CA GLU C 301 27.95 -38.70 5.19
C GLU C 301 27.11 -38.65 3.91
N LEU C 302 25.81 -38.89 4.04
CA LEU C 302 24.92 -38.78 2.89
C LEU C 302 24.87 -37.37 2.35
N ILE C 303 24.89 -36.37 3.24
CA ILE C 303 24.83 -34.97 2.82
C ILE C 303 26.09 -34.59 2.06
N GLU C 304 27.26 -34.96 2.61
CA GLU C 304 28.52 -34.65 1.95
C GLU C 304 28.62 -35.38 0.62
N GLU C 305 28.15 -36.63 0.56
CA GLU C 305 28.14 -37.37 -0.69
C GLU C 305 27.24 -36.72 -1.72
N ASN C 306 26.06 -36.26 -1.29
CA ASN C 306 25.15 -35.58 -2.22
C ASN C 306 25.72 -34.24 -2.65
N ASP C 307 26.24 -33.47 -1.70
CA ASP C 307 26.76 -32.13 -1.99
C ASP C 307 27.89 -32.17 -3.02
N HIS C 308 28.73 -33.22 -2.98
CA HIS C 308 29.78 -33.37 -3.97
C HIS C 308 29.17 -33.75 -5.32
N GLU C 309 28.13 -34.56 -5.29
CA GLU C 309 27.47 -35.00 -6.51
C GLU C 309 26.77 -33.85 -7.22
N ILE C 310 26.10 -32.99 -6.45
CA ILE C 310 25.28 -31.92 -7.01
C ILE C 310 26.14 -30.99 -7.87
N TYR C 311 27.26 -30.54 -7.32
CA TYR C 311 28.06 -29.55 -8.03
C TYR C 311 29.25 -30.12 -8.81
N MET C 312 29.57 -31.40 -8.65
CA MET C 312 30.65 -32.00 -9.45
C MET C 312 30.29 -33.40 -9.91
C1 AKG D . -1.87 21.49 19.89
O1 AKG D . -2.43 22.53 19.48
O2 AKG D . -0.78 21.13 19.42
C2 AKG D . -2.49 20.69 20.96
O5 AKG D . -3.49 21.06 21.55
C3 AKG D . -1.89 19.37 21.35
C4 AKG D . -2.90 18.59 22.20
C5 AKG D . -2.36 17.21 22.49
O3 AKG D . -3.15 16.33 22.88
O4 AKG D . -1.14 17.00 22.34
C1 5WI E . -1.22 25.53 13.70
C2 5WI E . -0.47 24.41 14.46
C4 5WI E . -0.98 25.50 16.60
C5 5WI E . -2.16 26.10 15.99
C9 5WI E . -0.87 25.58 17.93
C10 5WI E . -0.37 26.77 13.45
C11 5WI E . 0.19 24.77 18.67
C12 5WI E . 1.55 25.42 18.45
C14 5WI E . -0.15 24.76 20.16
C16 5WI E . 1.12 26.61 13.81
C17 5WI E . -0.49 27.18 11.98
C18 5WI E . -1.93 27.58 11.71
N3 5WI E . -0.37 24.46 15.90
N6 5WI E . -2.31 26.10 14.52
O7 5WI E . -3.01 26.57 16.67
O8 5WI E . 0.04 23.53 13.86
O13 5WI E . 2.35 25.30 19.60
O15 5WI E . 0.20 23.45 18.17
FE FE2 F . -4.43 23.03 20.62
C1 5WI G . -3.45 11.63 -19.24
C2 5WI G . -4.74 12.27 -19.82
C4 5WI G . -5.02 10.51 -21.54
C5 5WI G . -3.96 9.72 -20.92
C9 5WI G . -5.45 10.19 -22.77
C10 5WI G . -2.25 12.52 -19.46
C11 5WI G . -6.39 11.11 -23.55
C12 5WI G . -5.59 12.28 -24.11
C14 5WI G . -7.02 10.32 -24.70
C16 5WI G . -0.96 11.73 -19.13
C17 5WI G . -2.17 13.02 -20.90
C18 5WI G . -0.95 13.93 -21.04
N3 5WI G . -5.45 11.68 -20.92
N6 5WI G . -3.19 10.26 -19.78
O7 5WI G . -3.72 8.63 -21.32
O8 5WI G . -5.14 13.26 -19.33
O13 5WI G . -6.22 12.76 -25.28
O15 5WI G . -7.40 11.58 -22.70
C1 AKG H . -9.91 9.59 -22.41
O1 AKG H . -10.02 10.81 -22.17
O2 AKG H . -8.78 9.06 -22.40
C2 AKG H . -11.13 8.84 -22.72
O5 AKG H . -11.11 7.68 -23.13
C3 AKG H . -12.48 9.50 -22.53
C4 AKG H . -13.57 8.45 -22.72
C5 AKG H . -14.93 9.11 -22.61
O3 AKG H . -15.00 10.35 -22.73
O4 AKG H . -15.92 8.37 -22.42
FE FE2 I . -8.92 6.72 -22.57
CL CL J . -14.15 24.36 -31.83
C1 GOL K . -3.75 0.69 4.32
O1 GOL K . -3.49 1.65 3.32
C2 GOL K . -4.01 -0.68 3.68
O2 GOL K . -3.72 -1.70 4.60
C3 GOL K . -3.15 -0.86 2.43
O3 GOL K . -3.86 -0.36 1.31
C1 5WI L . 19.81 -29.11 3.30
C2 5WI L . 19.76 -27.81 2.46
C4 5WI L . 20.06 -28.99 0.32
C5 5WI L . 19.75 -30.27 0.97
C9 5WI L . 20.79 -29.01 -0.81
C10 5WI L . 21.11 -29.20 4.07
C11 5WI L . 20.94 -27.74 -1.66
C12 5WI L . 22.32 -27.14 -1.46
C14 5WI L . 20.78 -28.10 -3.13
C16 5WI L . 21.17 -30.54 4.81
C17 5WI L . 22.32 -29.07 3.13
C18 5WI L . 23.60 -29.05 3.97
N3 5WI L . 19.88 -27.81 1.01
N6 5WI L . 19.63 -30.33 2.46
O7 5WI L . 19.60 -31.25 0.33
O8 5WI L . 19.59 -26.78 3.02
O13 5WI L . 22.88 -26.82 -2.71
O15 5WI L . 19.96 -26.81 -1.28
C1 AKG M . 17.33 -26.50 -3.23
O1 AKG M . 17.68 -25.50 -2.58
O2 AKG M . 17.71 -27.64 -2.90
C2 AKG M . 16.43 -26.32 -4.38
O5 AKG M . 16.07 -27.23 -5.09
C3 AKG M . 15.94 -24.92 -4.68
C4 AKG M . 14.85 -25.00 -5.74
C5 AKG M . 14.29 -23.62 -5.91
O3 AKG M . 14.99 -22.65 -5.55
O4 AKG M . 13.14 -23.49 -6.39
FE FE2 N . 16.52 -29.33 -4.08
#